data_8OR7
#
_entry.id   8OR7
#
_cell.length_a   130.540
_cell.length_b   130.540
_cell.length_c   106.496
_cell.angle_alpha   90.00
_cell.angle_beta   90.00
_cell.angle_gamma   120.00
#
_symmetry.space_group_name_H-M   'P 63'
#
loop_
_entity.id
_entity.type
_entity.pdbx_description
1 polymer 'Allophycocyanin beta subunit apoprotein'
2 polymer Phycocyanin
3 non-polymer PHYCOCYANOBILIN
4 non-polymer 'POTASSIUM ION'
5 non-polymer 'SULFATE ION'
6 water water
#
loop_
_entity_poly.entity_id
_entity_poly.type
_entity_poly.pdbx_seq_one_letter_code
_entity_poly.pdbx_strand_id
1 'polypeptide(L)'
;MQDAITALINSSDVQGRYLDPSSLDKLQNYFQSGDMRAKTAIAVSANAKNIVTKTVAKSLLYTDITAPGGNMYTCRRYAA
CVRDLDYFLRYATYAMLAGDTSILDERILNGLRETYNSLGVPIGATIRSVQAMKEVVTSLVGADAGREMGVYFDHIAAGL
SLEHHHHHH
;
B,D
2 'polypeptide(L)'
;MGSIVTELILNADSESRYPAPKEIQVYQNFVKTGEQRIRIAKILAENEQRIVQNGSARFWERVPNTPSNSGNERKTASCQ
RDQGWYIRLIAYSVLAGSEKPLEEIGTIGIKEMYNNLEIPLRNIVECMRCLKEEALSLMSEEDALEVSAYFDYVMRSLS
;
A,C
#
loop_
_chem_comp.id
_chem_comp.type
_chem_comp.name
_chem_comp.formula
CYC non-polymer PHYCOCYANOBILIN 'C33 H40 N4 O6'
K non-polymer 'POTASSIUM ION' 'K 1'
SO4 non-polymer 'SULFATE ION' 'O4 S -2'
#
# COMPACT_ATOMS: atom_id res chain seq x y z
N MET A 1 -6.41 2.60 -16.99
CA MET A 1 -6.65 2.29 -18.41
C MET A 1 -6.38 0.81 -18.65
N GLN A 2 -6.68 0.34 -19.86
CA GLN A 2 -6.39 -1.07 -20.18
C GLN A 2 -5.38 -1.10 -21.34
N ASP A 3 -4.45 -2.04 -21.30
CA ASP A 3 -3.44 -2.17 -22.38
C ASP A 3 -3.66 -3.51 -23.09
N ALA A 4 -2.84 -3.80 -24.09
CA ALA A 4 -2.96 -5.07 -24.78
C ALA A 4 -2.99 -6.24 -23.79
N ILE A 5 -2.15 -6.21 -22.74
CA ILE A 5 -2.05 -7.26 -21.74
C ILE A 5 -3.26 -7.22 -20.79
N THR A 6 -3.51 -6.06 -20.18
CA THR A 6 -4.61 -5.90 -19.24
C THR A 6 -5.89 -6.43 -19.87
N ALA A 7 -6.08 -6.14 -21.16
CA ALA A 7 -7.31 -6.55 -21.81
C ALA A 7 -7.47 -8.07 -21.80
N LEU A 8 -6.40 -8.77 -22.22
CA LEU A 8 -6.41 -10.22 -22.28
C LEU A 8 -6.59 -10.84 -20.90
N ILE A 9 -5.94 -10.23 -19.89
CA ILE A 9 -6.08 -10.65 -18.50
C ILE A 9 -7.55 -10.55 -18.08
N ASN A 10 -8.19 -9.41 -18.38
CA ASN A 10 -9.54 -9.17 -17.95
C ASN A 10 -10.54 -10.12 -18.64
N SER A 11 -10.36 -10.43 -19.94
CA SER A 11 -11.24 -11.35 -20.65
C SER A 11 -11.12 -12.77 -20.09
N SER A 12 -9.89 -13.15 -19.67
CA SER A 12 -9.68 -14.39 -18.96
C SER A 12 -10.32 -14.40 -17.57
N ASP A 13 -10.11 -13.31 -16.79
CA ASP A 13 -10.50 -13.24 -15.39
C ASP A 13 -12.02 -13.38 -15.21
N VAL A 14 -12.85 -12.89 -16.16
CA VAL A 14 -14.31 -12.95 -16.03
C VAL A 14 -14.84 -14.37 -16.23
N GLN A 15 -14.05 -15.28 -16.81
CA GLN A 15 -14.41 -16.69 -16.92
C GLN A 15 -13.57 -17.52 -15.96
N GLY A 16 -12.93 -16.88 -15.00
CA GLY A 16 -12.09 -17.59 -14.05
C GLY A 16 -10.98 -18.44 -14.67
N ARG A 17 -10.47 -18.09 -15.86
CA ARG A 17 -9.51 -18.94 -16.56
C ARG A 17 -8.12 -18.32 -16.68
N TYR A 18 -7.13 -19.20 -16.81
CA TYR A 18 -5.76 -18.83 -17.13
C TYR A 18 -5.72 -18.41 -18.60
N LEU A 19 -4.70 -17.66 -19.00
CA LEU A 19 -4.71 -17.18 -20.37
C LEU A 19 -4.66 -18.36 -21.33
N ASP A 20 -5.50 -18.31 -22.36
CA ASP A 20 -5.64 -19.44 -23.25
C ASP A 20 -4.58 -19.36 -24.35
N PRO A 21 -4.43 -20.44 -25.16
CA PRO A 21 -3.38 -20.51 -26.19
C PRO A 21 -3.31 -19.36 -27.18
N SER A 22 -4.48 -18.77 -27.46
CA SER A 22 -4.63 -17.66 -28.38
C SER A 22 -4.42 -16.33 -27.66
N SER A 23 -4.86 -16.24 -26.39
CA SER A 23 -4.57 -15.05 -25.62
C SER A 23 -3.06 -14.96 -25.44
N LEU A 24 -2.43 -16.06 -25.03
CA LEU A 24 -0.97 -16.14 -25.10
C LEU A 24 -0.60 -16.04 -26.57
N ASP A 25 0.59 -15.53 -26.87
CA ASP A 25 1.04 -15.44 -28.26
C ASP A 25 0.44 -14.20 -28.95
N LYS A 26 -0.87 -13.92 -28.87
CA LYS A 26 -1.33 -12.54 -29.07
C LYS A 26 -0.54 -11.59 -28.18
N LEU A 27 -0.28 -12.05 -26.97
CA LEU A 27 0.68 -11.43 -26.08
C LEU A 27 2.09 -11.44 -26.66
N GLN A 28 2.55 -12.59 -27.17
CA GLN A 28 3.84 -12.65 -27.83
C GLN A 28 3.88 -11.66 -28.98
N ASN A 29 2.77 -11.56 -29.70
CA ASN A 29 2.64 -10.66 -30.84
C ASN A 29 2.98 -9.25 -30.40
N TYR A 30 2.35 -8.84 -29.30
CA TYR A 30 2.51 -7.53 -28.70
C TYR A 30 3.93 -7.27 -28.25
N PHE A 31 4.46 -8.14 -27.38
CA PHE A 31 5.83 -8.01 -26.89
C PHE A 31 6.82 -7.83 -28.04
N GLN A 32 6.56 -8.49 -29.17
CA GLN A 32 7.47 -8.38 -30.34
C GLN A 32 7.31 -7.01 -30.99
N SER A 33 6.13 -6.41 -30.87
CA SER A 33 5.86 -5.13 -31.56
C SER A 33 6.43 -3.96 -30.76
N GLY A 34 6.80 -4.18 -29.51
CA GLY A 34 7.26 -3.09 -28.63
C GLY A 34 8.32 -2.21 -29.28
N ASP A 35 9.32 -2.81 -29.89
CA ASP A 35 10.42 -2.02 -30.48
C ASP A 35 9.81 -1.01 -31.44
N MET A 36 9.02 -1.49 -32.40
CA MET A 36 8.43 -0.59 -33.35
C MET A 36 7.59 0.47 -32.61
N ARG A 37 6.93 0.06 -31.53
CA ARG A 37 6.06 0.99 -30.83
C ARG A 37 6.89 2.07 -30.14
N ALA A 38 8.03 1.68 -29.56
CA ALA A 38 8.92 2.63 -28.90
C ALA A 38 9.55 3.53 -29.96
N LYS A 39 9.91 2.96 -31.10
CA LYS A 39 10.48 3.74 -32.19
C LYS A 39 9.49 4.82 -32.60
N THR A 40 8.24 4.43 -32.82
CA THR A 40 7.23 5.37 -33.29
C THR A 40 6.99 6.47 -32.26
N ALA A 41 6.92 6.13 -30.98
CA ALA A 41 6.59 7.11 -29.96
C ALA A 41 7.71 8.14 -29.85
N ILE A 42 8.94 7.66 -29.96
CA ILE A 42 10.10 8.54 -29.94
C ILE A 42 10.02 9.52 -31.10
N ALA A 43 9.74 9.05 -32.31
CA ALA A 43 9.73 9.93 -33.46
C ALA A 43 8.58 10.93 -33.37
N VAL A 44 7.38 10.49 -32.99
CA VAL A 44 6.29 11.42 -32.84
C VAL A 44 6.61 12.48 -31.78
N SER A 45 7.24 12.06 -30.68
CA SER A 45 7.59 12.96 -29.58
C SER A 45 8.49 14.09 -30.07
N ALA A 46 9.39 13.80 -31.02
CA ALA A 46 10.34 14.77 -31.50
C ALA A 46 9.78 15.62 -32.65
N ASN A 47 8.62 15.28 -33.21
CA ASN A 47 8.03 16.04 -34.31
C ASN A 47 6.62 16.49 -33.98
N ALA A 48 6.32 16.58 -32.68
CA ALA A 48 4.95 16.79 -32.25
C ALA A 48 4.42 18.14 -32.73
N LYS A 49 5.18 19.23 -32.50
CA LYS A 49 4.73 20.57 -32.85
C LYS A 49 4.68 20.71 -34.37
N ASN A 50 5.64 20.11 -35.02
CA ASN A 50 5.73 20.11 -36.47
C ASN A 50 4.55 19.34 -37.07
N ILE A 51 4.18 18.22 -36.48
CA ILE A 51 3.08 17.40 -37.08
C ILE A 51 1.80 18.24 -37.09
N VAL A 52 1.47 18.89 -35.98
CA VAL A 52 0.20 19.66 -35.89
C VAL A 52 0.26 20.84 -36.87
N THR A 53 1.41 21.48 -37.02
CA THR A 53 1.55 22.58 -37.99
C THR A 53 1.09 22.11 -39.37
N LYS A 54 1.67 21.01 -39.84
CA LYS A 54 1.32 20.47 -41.18
C LYS A 54 -0.14 20.05 -41.16
N THR A 55 -0.62 19.51 -40.05
CA THR A 55 -2.01 19.07 -40.00
C THR A 55 -2.95 20.25 -40.19
N VAL A 56 -2.67 21.36 -39.50
CA VAL A 56 -3.55 22.51 -39.56
C VAL A 56 -3.54 23.09 -40.98
N ALA A 57 -2.34 23.12 -41.57
CA ALA A 57 -2.14 23.71 -42.88
C ALA A 57 -2.99 22.99 -43.93
N LYS A 58 -3.15 21.68 -43.77
CA LYS A 58 -3.78 20.91 -44.82
C LYS A 58 -5.28 20.82 -44.64
N SER A 59 -5.85 21.15 -43.46
CA SER A 59 -7.27 20.90 -43.28
C SER A 59 -8.10 22.09 -42.75
N LEU A 60 -7.49 23.05 -42.07
CA LEU A 60 -8.28 24.05 -41.35
C LEU A 60 -8.03 25.47 -41.87
N LEU A 61 -6.83 25.73 -42.40
CA LEU A 61 -6.49 27.07 -42.86
C LEU A 61 -7.24 27.45 -44.14
N TYR A 62 -7.34 28.76 -44.37
CA TYR A 62 -7.90 29.30 -45.60
C TYR A 62 -9.30 28.71 -45.80
N THR A 63 -10.12 28.76 -44.73
CA THR A 63 -11.47 28.20 -44.77
C THR A 63 -12.38 29.20 -44.06
N ASP A 64 -13.65 28.85 -43.93
CA ASP A 64 -14.64 29.74 -43.27
C ASP A 64 -14.49 29.69 -41.75
N ILE A 65 -13.74 28.74 -41.22
CA ILE A 65 -13.65 28.54 -39.74
C ILE A 65 -12.65 29.53 -39.15
N THR A 66 -11.77 30.07 -39.99
CA THR A 66 -10.73 31.00 -39.52
C THR A 66 -11.18 32.42 -39.88
N ALA A 67 -12.37 32.55 -40.45
CA ALA A 67 -12.89 33.86 -40.82
C ALA A 67 -13.63 34.46 -39.63
N PRO A 68 -13.81 35.80 -39.53
CA PRO A 68 -14.56 36.38 -38.42
C PRO A 68 -15.86 35.61 -38.25
N GLY A 69 -16.20 35.28 -37.00
CA GLY A 69 -17.41 34.53 -36.69
C GLY A 69 -17.21 33.03 -36.76
N GLY A 70 -16.02 32.62 -37.22
CA GLY A 70 -15.67 31.22 -37.30
C GLY A 70 -15.25 30.72 -35.93
N ASN A 71 -15.33 29.41 -35.75
CA ASN A 71 -15.02 28.80 -34.47
C ASN A 71 -13.51 28.84 -34.19
N MET A 72 -12.68 29.00 -35.21
CA MET A 72 -11.22 29.04 -34.99
C MET A 72 -10.74 30.49 -35.10
N TYR A 73 -11.67 31.42 -35.26
CA TYR A 73 -11.31 32.86 -35.27
C TYR A 73 -10.98 33.25 -33.84
N THR A 74 -10.18 34.30 -33.65
CA THR A 74 -9.72 34.72 -32.29
C THR A 74 -8.54 33.82 -31.90
N CYS A 75 -7.35 34.41 -31.76
CA CYS A 75 -6.12 33.62 -31.44
C CYS A 75 -6.41 32.63 -30.32
N ARG A 76 -7.19 33.02 -29.31
CA ARG A 76 -7.55 32.14 -28.23
C ARG A 76 -8.17 30.85 -28.76
N ARG A 77 -9.15 30.99 -29.66
CA ARG A 77 -9.84 29.84 -30.21
C ARG A 77 -8.91 29.07 -31.14
N TYR A 78 -8.07 29.79 -31.87
CA TYR A 78 -7.09 29.12 -32.71
C TYR A 78 -6.15 28.27 -31.85
N ALA A 79 -5.72 28.87 -30.74
CA ALA A 79 -4.80 28.19 -29.84
C ALA A 79 -5.50 27.02 -29.15
N ALA A 80 -6.80 27.13 -28.85
CA ALA A 80 -7.55 26.04 -28.23
C ALA A 80 -7.59 24.82 -29.13
N CYS A 81 -7.88 25.11 -30.38
CA CYS A 81 -7.93 24.13 -31.43
C CYS A 81 -6.61 23.38 -31.53
N VAL A 82 -5.51 24.13 -31.64
CA VAL A 82 -4.20 23.52 -31.72
C VAL A 82 -3.92 22.69 -30.47
N ARG A 83 -4.29 23.17 -29.29
CA ARG A 83 -4.17 22.39 -28.08
C ARG A 83 -4.94 21.06 -28.18
N ASP A 84 -6.16 21.05 -28.73
CA ASP A 84 -6.91 19.80 -28.89
C ASP A 84 -6.19 18.87 -29.85
N LEU A 85 -5.57 19.38 -30.91
CA LEU A 85 -4.82 18.51 -31.83
C LEU A 85 -3.57 17.96 -31.13
N ASP A 86 -3.01 18.75 -30.22
CA ASP A 86 -1.91 18.28 -29.41
C ASP A 86 -2.34 17.08 -28.59
N TYR A 87 -3.56 17.15 -28.03
CA TYR A 87 -4.16 16.09 -27.23
C TYR A 87 -4.44 14.83 -28.05
N PHE A 88 -5.01 14.99 -29.23
CA PHE A 88 -5.25 13.83 -30.07
C PHE A 88 -3.94 13.09 -30.40
N LEU A 89 -2.86 13.82 -30.70
CA LEU A 89 -1.61 13.19 -31.11
C LEU A 89 -0.99 12.41 -29.96
N ARG A 90 -0.96 13.03 -28.77
CA ARG A 90 -0.28 12.49 -27.62
C ARG A 90 -0.99 11.23 -27.15
N TYR A 91 -2.33 11.36 -27.02
CA TYR A 91 -3.17 10.27 -26.57
C TYR A 91 -3.20 9.13 -27.60
N ALA A 92 -3.14 9.45 -28.90
CA ALA A 92 -3.09 8.37 -29.87
C ALA A 92 -1.76 7.63 -29.76
N THR A 93 -0.69 8.34 -29.43
CA THR A 93 0.60 7.72 -29.18
C THR A 93 0.59 6.86 -27.91
N TYR A 94 -0.02 7.34 -26.82
CA TYR A 94 -0.19 6.53 -25.61
C TYR A 94 -0.87 5.21 -25.97
N ALA A 95 -1.97 5.32 -26.74
CA ALA A 95 -2.80 4.20 -27.15
C ALA A 95 -2.01 3.20 -27.98
N MET A 96 -1.25 3.70 -28.93
CA MET A 96 -0.49 2.87 -29.85
C MET A 96 0.52 2.06 -29.05
N LEU A 97 1.13 2.74 -28.07
CA LEU A 97 2.15 2.14 -27.23
C LEU A 97 1.52 1.04 -26.39
N ALA A 98 0.32 1.33 -25.87
CA ALA A 98 -0.47 0.40 -25.08
C ALA A 98 -1.01 -0.74 -25.93
N GLY A 99 -1.18 -0.47 -27.24
CA GLY A 99 -1.78 -1.41 -28.17
C GLY A 99 -3.26 -1.66 -27.89
N ASP A 100 -3.97 -0.66 -27.33
CA ASP A 100 -5.39 -0.74 -26.99
C ASP A 100 -5.97 0.64 -27.13
N THR A 101 -7.24 0.76 -27.55
CA THR A 101 -7.87 2.04 -27.79
C THR A 101 -8.62 2.55 -26.57
N SER A 102 -8.71 1.73 -25.54
CA SER A 102 -9.52 2.08 -24.40
C SER A 102 -9.16 3.47 -23.88
N ILE A 103 -7.89 3.90 -23.90
CA ILE A 103 -7.53 5.15 -23.25
C ILE A 103 -8.14 6.31 -23.99
N LEU A 104 -8.44 6.12 -25.29
CA LEU A 104 -9.08 7.15 -26.09
C LEU A 104 -10.53 7.33 -25.66
N ASP A 105 -11.22 6.22 -25.38
CA ASP A 105 -12.63 6.25 -24.99
C ASP A 105 -12.77 7.00 -23.69
N GLU A 106 -11.83 6.79 -22.76
CA GLU A 106 -11.99 7.34 -21.41
C GLU A 106 -11.35 8.72 -21.23
N ARG A 107 -10.26 9.05 -21.91
CA ARG A 107 -9.60 10.32 -21.64
C ARG A 107 -9.87 11.32 -22.77
N ILE A 108 -10.33 10.87 -23.95
CA ILE A 108 -10.49 11.80 -25.07
C ILE A 108 -11.93 11.92 -25.51
N LEU A 109 -12.66 10.79 -25.65
CA LEU A 109 -13.98 10.86 -26.27
C LEU A 109 -15.14 10.86 -25.28
N ASN A 110 -14.88 10.93 -23.97
CA ASN A 110 -15.92 10.73 -22.97
C ASN A 110 -17.14 11.59 -23.31
N GLY A 111 -17.02 12.91 -23.18
CA GLY A 111 -18.14 13.80 -23.47
C GLY A 111 -17.87 14.81 -24.59
N LEU A 112 -17.10 14.38 -25.58
CA LEU A 112 -16.48 15.30 -26.51
C LEU A 112 -17.48 15.70 -27.57
N ARG A 113 -18.22 14.72 -28.15
CA ARG A 113 -19.25 15.00 -29.15
C ARG A 113 -20.17 16.07 -28.54
N GLU A 114 -20.58 15.81 -27.30
CA GLU A 114 -21.52 16.63 -26.55
C GLU A 114 -20.89 18.00 -26.28
N THR A 115 -19.69 18.05 -25.70
CA THR A 115 -19.01 19.31 -25.44
C THR A 115 -18.86 20.17 -26.69
N TYR A 116 -18.39 19.56 -27.77
CA TYR A 116 -18.21 20.29 -29.02
C TYR A 116 -19.50 20.96 -29.48
N ASN A 117 -20.58 20.18 -29.68
CA ASN A 117 -21.89 20.71 -30.10
C ASN A 117 -22.32 21.86 -29.21
N SER A 118 -22.12 21.71 -27.91
CA SER A 118 -22.42 22.77 -26.98
C SER A 118 -21.70 24.07 -27.34
N LEU A 119 -20.46 23.98 -27.83
CA LEU A 119 -19.61 25.15 -28.01
C LEU A 119 -19.64 25.62 -29.47
N GLY A 120 -20.25 24.82 -30.35
CA GLY A 120 -20.31 25.15 -31.77
C GLY A 120 -19.07 24.69 -32.54
N VAL A 121 -18.25 23.82 -31.94
CA VAL A 121 -17.04 23.37 -32.59
C VAL A 121 -17.41 22.46 -33.75
N PRO A 122 -17.09 22.80 -35.01
CA PRO A 122 -17.47 21.97 -36.15
C PRO A 122 -16.82 20.58 -36.14
N ILE A 123 -17.69 19.58 -36.10
CA ILE A 123 -17.33 18.18 -35.97
C ILE A 123 -16.78 17.61 -37.27
N GLY A 124 -17.26 18.13 -38.40
CA GLY A 124 -16.84 17.56 -39.67
C GLY A 124 -15.45 18.06 -40.02
N ALA A 125 -15.16 19.30 -39.62
CA ALA A 125 -13.84 19.90 -39.76
C ALA A 125 -12.84 19.17 -38.87
N THR A 126 -13.26 18.81 -37.64
CA THR A 126 -12.40 18.13 -36.69
C THR A 126 -12.01 16.75 -37.21
N ILE A 127 -12.98 15.99 -37.71
CA ILE A 127 -12.71 14.70 -38.33
C ILE A 127 -11.74 14.84 -39.49
N ARG A 128 -11.95 15.89 -40.29
CA ARG A 128 -11.11 16.15 -41.44
C ARG A 128 -9.64 16.29 -40.98
N SER A 129 -9.44 17.06 -39.91
CA SER A 129 -8.10 17.33 -39.41
C SER A 129 -7.46 16.09 -38.78
N VAL A 130 -8.28 15.19 -38.21
CA VAL A 130 -7.78 13.95 -37.65
C VAL A 130 -7.29 13.06 -38.79
N GLN A 131 -7.95 13.11 -39.93
CA GLN A 131 -7.56 12.21 -41.05
C GLN A 131 -6.30 12.76 -41.70
N ALA A 132 -6.08 14.06 -41.59
CA ALA A 132 -4.85 14.67 -42.11
C ALA A 132 -3.69 14.27 -41.19
N MET A 133 -3.91 14.39 -39.89
CA MET A 133 -2.88 13.97 -38.91
C MET A 133 -2.46 12.54 -39.27
N LYS A 134 -3.43 11.68 -39.52
CA LYS A 134 -3.06 10.31 -39.92
C LYS A 134 -1.98 10.32 -41.00
N GLU A 135 -2.22 11.04 -42.11
CA GLU A 135 -1.36 10.98 -43.28
C GLU A 135 0.00 11.61 -42.99
N VAL A 136 0.00 12.79 -42.37
CA VAL A 136 1.23 13.48 -41.96
C VAL A 136 2.16 12.57 -41.16
N VAL A 137 1.56 11.82 -40.20
CA VAL A 137 2.30 10.87 -39.37
C VAL A 137 2.79 9.70 -40.20
N THR A 138 1.96 9.25 -41.17
CA THR A 138 2.38 8.12 -41.99
C THR A 138 3.57 8.53 -42.86
N SER A 139 3.58 9.80 -43.28
CA SER A 139 4.66 10.37 -44.07
C SER A 139 5.93 10.49 -43.25
N LEU A 140 5.79 10.49 -41.92
CA LEU A 140 6.97 10.58 -41.08
C LEU A 140 7.51 9.21 -40.63
N VAL A 141 6.67 8.16 -40.58
CA VAL A 141 7.12 6.93 -39.93
C VAL A 141 7.01 5.75 -40.90
N GLY A 142 6.45 5.97 -42.08
CA GLY A 142 6.29 4.87 -43.02
C GLY A 142 4.95 4.17 -42.85
N ALA A 143 4.55 3.41 -43.87
CA ALA A 143 3.20 2.84 -43.96
C ALA A 143 3.03 1.77 -42.89
N ASP A 144 4.13 1.06 -42.62
CA ASP A 144 4.18 -0.05 -41.68
C ASP A 144 3.71 0.45 -40.30
N ALA A 145 4.38 1.48 -39.76
CA ALA A 145 3.98 2.09 -38.50
C ALA A 145 2.83 3.09 -38.69
N GLY A 146 2.63 3.54 -39.92
CA GLY A 146 1.56 4.47 -40.23
C GLY A 146 0.18 3.83 -40.07
N ARG A 147 0.04 2.55 -40.52
CA ARG A 147 -1.19 1.78 -40.29
C ARG A 147 -1.50 1.73 -38.79
N GLU A 148 -0.48 1.44 -37.95
CA GLU A 148 -0.70 1.25 -36.52
C GLU A 148 -1.25 2.52 -35.90
N MET A 149 -0.56 3.65 -36.08
CA MET A 149 -1.05 4.91 -35.54
C MET A 149 -2.38 5.27 -36.20
N GLY A 150 -2.60 4.78 -37.43
CA GLY A 150 -3.82 5.03 -38.16
C GLY A 150 -5.05 4.52 -37.43
N VAL A 151 -4.91 3.37 -36.77
CA VAL A 151 -6.04 2.70 -36.21
C VAL A 151 -6.60 3.56 -35.08
N TYR A 152 -5.69 4.22 -34.37
CA TYR A 152 -6.04 5.04 -33.20
C TYR A 152 -6.65 6.34 -33.70
N PHE A 153 -6.09 6.88 -34.78
CA PHE A 153 -6.65 8.09 -35.34
C PHE A 153 -8.07 7.84 -35.84
N ASP A 154 -8.24 6.73 -36.58
CA ASP A 154 -9.54 6.30 -37.08
C ASP A 154 -10.54 6.16 -35.93
N HIS A 155 -10.06 5.62 -34.81
CA HIS A 155 -10.88 5.47 -33.63
C HIS A 155 -11.45 6.81 -33.17
N ILE A 156 -10.58 7.85 -33.06
CA ILE A 156 -10.99 9.15 -32.56
C ILE A 156 -12.05 9.70 -33.50
N ALA A 157 -11.71 9.66 -34.80
CA ALA A 157 -12.56 10.18 -35.86
C ALA A 157 -13.92 9.51 -35.81
N ALA A 158 -13.91 8.17 -35.69
CA ALA A 158 -15.14 7.39 -35.63
C ALA A 158 -16.02 7.76 -34.44
N GLY A 159 -15.40 8.01 -33.30
CA GLY A 159 -16.14 8.33 -32.09
C GLY A 159 -16.67 9.76 -32.06
N LEU A 160 -16.37 10.58 -33.06
CA LEU A 160 -17.03 11.87 -33.17
C LEU A 160 -18.31 11.80 -34.03
N SER A 161 -18.37 10.88 -35.00
CA SER A 161 -19.55 10.72 -35.87
C SER A 161 -20.79 10.33 -35.08
N LEU A 162 -20.75 9.14 -34.46
CA LEU A 162 -21.86 8.60 -33.68
C LEU A 162 -23.20 8.98 -34.33
N MET B 1 16.55 14.03 -3.67
CA MET B 1 17.59 13.44 -2.80
C MET B 1 18.81 13.07 -3.64
N GLN B 2 19.85 12.62 -2.93
CA GLN B 2 21.06 12.14 -3.56
C GLN B 2 21.16 10.63 -3.45
N ASP B 3 21.70 10.03 -4.51
CA ASP B 3 22.10 8.63 -4.47
C ASP B 3 23.60 8.60 -4.82
N ALA B 4 24.17 7.39 -4.85
CA ALA B 4 25.60 7.24 -5.11
C ALA B 4 25.96 7.82 -6.49
N ILE B 5 25.16 7.49 -7.51
CA ILE B 5 25.38 7.91 -8.89
C ILE B 5 25.39 9.44 -8.99
N THR B 6 24.35 10.08 -8.45
CA THR B 6 24.19 11.51 -8.59
C THR B 6 25.31 12.22 -7.81
N ALA B 7 25.80 11.60 -6.75
CA ALA B 7 26.93 12.20 -6.02
C ALA B 7 28.18 12.32 -6.92
N LEU B 8 28.52 11.27 -7.69
CA LEU B 8 29.71 11.32 -8.54
C LEU B 8 29.51 12.32 -9.67
N ILE B 9 28.28 12.38 -10.22
CA ILE B 9 27.93 13.32 -11.27
C ILE B 9 28.13 14.75 -10.77
N ASN B 10 27.63 15.04 -9.56
CA ASN B 10 27.76 16.39 -9.00
C ASN B 10 29.22 16.77 -8.81
N SER B 11 30.07 15.80 -8.46
CA SER B 11 31.49 16.04 -8.25
C SER B 11 32.13 16.51 -9.55
N SER B 12 31.83 15.79 -10.63
CA SER B 12 32.40 16.13 -11.92
C SER B 12 31.74 17.39 -12.49
N ASP B 13 30.41 17.47 -12.38
CA ASP B 13 29.65 18.56 -12.96
C ASP B 13 30.13 19.91 -12.41
N VAL B 14 30.41 19.97 -11.10
CA VAL B 14 30.81 21.23 -10.50
C VAL B 14 32.18 21.70 -11.00
N GLN B 15 32.99 20.76 -11.53
CA GLN B 15 34.23 21.09 -12.22
C GLN B 15 34.05 21.15 -13.74
N GLY B 16 32.93 20.69 -14.28
CA GLY B 16 32.70 20.79 -15.70
C GLY B 16 33.39 19.68 -16.49
N ARG B 17 33.52 18.50 -15.87
CA ARG B 17 34.31 17.44 -16.47
C ARG B 17 33.48 16.17 -16.54
N TYR B 18 33.91 15.24 -17.38
CA TYR B 18 33.38 13.90 -17.42
C TYR B 18 33.94 13.09 -16.27
N LEU B 19 33.22 12.05 -15.87
CA LEU B 19 33.68 11.24 -14.75
C LEU B 19 35.06 10.67 -15.07
N ASP B 20 36.01 10.84 -14.14
CA ASP B 20 37.36 10.34 -14.29
C ASP B 20 37.39 8.82 -14.04
N PRO B 21 38.57 8.15 -14.20
CA PRO B 21 38.64 6.69 -14.17
C PRO B 21 38.26 6.14 -12.79
N SER B 22 38.69 6.84 -11.73
CA SER B 22 38.36 6.47 -10.36
C SER B 22 36.86 6.62 -10.15
N SER B 23 36.31 7.79 -10.54
CA SER B 23 34.88 8.04 -10.43
C SER B 23 34.09 6.92 -11.08
N LEU B 24 34.56 6.48 -12.27
CA LEU B 24 33.90 5.39 -13.00
C LEU B 24 34.06 4.06 -12.26
N ASP B 25 35.17 3.91 -11.52
CA ASP B 25 35.39 2.70 -10.73
C ASP B 25 34.33 2.54 -9.65
N LYS B 26 34.13 3.63 -8.89
CA LYS B 26 33.11 3.71 -7.85
C LYS B 26 31.72 3.38 -8.43
N LEU B 27 31.49 3.86 -9.67
CA LEU B 27 30.22 3.64 -10.36
C LEU B 27 29.97 2.14 -10.53
N GLN B 28 30.88 1.45 -11.22
CA GLN B 28 30.69 0.02 -11.46
C GLN B 28 30.64 -0.69 -10.11
N ASN B 29 31.34 -0.15 -9.10
CA ASN B 29 31.24 -0.72 -7.77
C ASN B 29 29.79 -0.67 -7.31
N TYR B 30 29.19 0.50 -7.48
CA TYR B 30 27.79 0.67 -7.09
C TYR B 30 26.92 -0.32 -7.84
N PHE B 31 27.08 -0.36 -9.17
CA PHE B 31 26.30 -1.30 -9.98
C PHE B 31 26.50 -2.74 -9.51
N GLN B 32 27.74 -3.10 -9.15
CA GLN B 32 28.08 -4.44 -8.68
C GLN B 32 27.20 -4.79 -7.48
N SER B 33 27.14 -3.87 -6.51
CA SER B 33 26.42 -4.06 -5.26
C SER B 33 24.91 -4.13 -5.48
N GLY B 34 24.47 -3.74 -6.68
CA GLY B 34 23.05 -3.66 -6.99
C GLY B 34 22.27 -4.91 -6.55
N ASP B 35 22.75 -6.07 -6.95
CA ASP B 35 22.00 -7.30 -6.70
C ASP B 35 21.81 -7.48 -5.19
N MET B 36 22.88 -7.16 -4.44
CA MET B 36 22.89 -7.32 -3.00
C MET B 36 21.82 -6.42 -2.36
N ARG B 37 21.70 -5.18 -2.84
CA ARG B 37 20.80 -4.20 -2.24
C ARG B 37 19.36 -4.60 -2.48
N ALA B 38 19.09 -5.04 -3.72
CA ALA B 38 17.77 -5.48 -4.10
C ALA B 38 17.34 -6.64 -3.23
N LYS B 39 18.22 -7.63 -3.09
CA LYS B 39 17.92 -8.80 -2.26
C LYS B 39 17.59 -8.36 -0.83
N THR B 40 18.34 -7.38 -0.34
CA THR B 40 18.17 -6.87 1.00
C THR B 40 16.80 -6.21 1.13
N ALA B 41 16.45 -5.33 0.18
CA ALA B 41 15.19 -4.59 0.23
C ALA B 41 13.98 -5.54 0.27
N ILE B 42 14.01 -6.57 -0.57
CA ILE B 42 12.95 -7.57 -0.62
C ILE B 42 12.76 -8.19 0.78
N ALA B 43 13.88 -8.59 1.41
CA ALA B 43 13.83 -9.34 2.65
C ALA B 43 13.32 -8.46 3.81
N VAL B 44 13.81 -7.21 3.88
CA VAL B 44 13.41 -6.28 4.91
C VAL B 44 11.92 -5.99 4.76
N SER B 45 11.50 -5.81 3.50
CA SER B 45 10.12 -5.51 3.18
C SER B 45 9.20 -6.61 3.68
N ALA B 46 9.62 -7.85 3.44
CA ALA B 46 8.83 -9.01 3.83
C ALA B 46 8.76 -9.18 5.34
N ASN B 47 9.72 -8.67 6.12
CA ASN B 47 9.77 -8.95 7.54
C ASN B 47 9.68 -7.67 8.36
N ALA B 48 9.27 -6.57 7.70
CA ALA B 48 9.25 -5.26 8.35
C ALA B 48 8.55 -5.33 9.71
N LYS B 49 7.42 -6.03 9.79
CA LYS B 49 6.65 -6.04 11.02
C LYS B 49 7.34 -6.87 12.10
N ASN B 50 7.92 -8.01 11.71
CA ASN B 50 8.61 -8.88 12.64
C ASN B 50 9.89 -8.20 13.14
N ILE B 51 10.60 -7.49 12.24
CA ILE B 51 11.78 -6.76 12.68
C ILE B 51 11.46 -5.79 13.82
N VAL B 52 10.43 -4.99 13.67
CA VAL B 52 10.11 -4.01 14.70
C VAL B 52 9.56 -4.72 15.92
N THR B 53 8.84 -5.84 15.75
CA THR B 53 8.30 -6.55 16.90
C THR B 53 9.47 -7.03 17.77
N LYS B 54 10.49 -7.60 17.10
CA LYS B 54 11.68 -8.14 17.74
C LYS B 54 12.48 -7.03 18.43
N THR B 55 12.72 -5.92 17.72
CA THR B 55 13.47 -4.79 18.24
C THR B 55 12.89 -4.31 19.58
N VAL B 56 11.57 -4.18 19.62
CA VAL B 56 10.86 -3.63 20.77
C VAL B 56 10.99 -4.63 21.92
N ALA B 57 10.97 -5.92 21.59
CA ALA B 57 11.11 -6.98 22.58
C ALA B 57 12.46 -6.90 23.29
N LYS B 58 13.53 -6.57 22.52
CA LYS B 58 14.88 -6.58 23.05
C LYS B 58 15.17 -5.35 23.91
N SER B 59 14.74 -4.17 23.45
CA SER B 59 15.24 -2.92 23.97
C SER B 59 14.24 -2.17 24.83
N LEU B 60 12.93 -2.37 24.62
CA LEU B 60 11.95 -1.48 25.22
C LEU B 60 10.99 -2.26 26.11
N LEU B 61 10.51 -3.42 25.68
CA LEU B 61 9.54 -4.12 26.51
C LEU B 61 10.06 -4.38 27.94
N TYR B 62 9.13 -4.33 28.89
CA TYR B 62 9.37 -4.62 30.30
C TYR B 62 10.40 -3.68 30.94
N THR B 63 10.76 -2.55 30.29
CA THR B 63 11.59 -1.51 30.90
C THR B 63 10.69 -0.49 31.62
N ASP B 64 11.32 0.53 32.20
CA ASP B 64 10.60 1.62 32.86
C ASP B 64 9.84 2.48 31.85
N ILE B 65 10.18 2.35 30.55
CA ILE B 65 9.69 3.23 29.51
C ILE B 65 8.22 2.88 29.24
N THR B 66 7.84 1.61 29.43
CA THR B 66 6.47 1.19 29.21
C THR B 66 5.59 1.31 30.46
N ALA B 67 6.12 1.83 31.57
CA ALA B 67 5.33 1.90 32.79
C ALA B 67 4.72 3.28 32.95
N PRO B 68 3.67 3.40 33.80
CA PRO B 68 3.06 4.70 34.06
C PRO B 68 4.18 5.69 34.34
N GLY B 69 4.30 6.71 33.46
CA GLY B 69 5.27 7.77 33.58
C GLY B 69 6.38 7.70 32.53
N GLY B 70 6.50 6.53 31.89
CA GLY B 70 7.42 6.36 30.76
C GLY B 70 6.79 6.94 29.49
N ASN B 71 7.62 7.16 28.48
CA ASN B 71 7.20 7.82 27.27
C ASN B 71 6.53 6.83 26.33
N MET B 72 6.59 5.53 26.62
CA MET B 72 5.85 4.55 25.83
C MET B 72 4.57 4.07 26.54
N TYR B 73 4.19 4.73 27.65
CA TYR B 73 2.93 4.45 28.32
C TYR B 73 1.76 5.13 27.60
N THR B 74 0.60 4.44 27.61
CA THR B 74 -0.58 4.69 26.79
C THR B 74 -0.38 4.12 25.38
N CYS B 75 -1.43 3.57 24.80
CA CYS B 75 -1.32 2.91 23.52
C CYS B 75 -0.97 3.91 22.41
N ARG B 76 -1.39 5.15 22.57
CA ARG B 76 -1.05 6.17 21.59
C ARG B 76 0.47 6.33 21.48
N ARG B 77 1.16 6.29 22.62
CA ARG B 77 2.59 6.53 22.68
C ARG B 77 3.36 5.28 22.26
N TYR B 78 2.94 4.13 22.78
CA TYR B 78 3.45 2.84 22.30
C TYR B 78 3.48 2.88 20.79
N ALA B 79 2.29 3.18 20.24
CA ALA B 79 2.07 3.10 18.81
C ALA B 79 2.92 4.13 18.06
N ALA B 80 3.15 5.30 18.66
CA ALA B 80 4.00 6.31 18.05
C ALA B 80 5.47 5.85 17.95
N CYS B 81 5.90 5.23 19.05
CA CYS B 81 7.23 4.69 19.11
C CYS B 81 7.41 3.68 17.98
N VAL B 82 6.45 2.77 17.85
CA VAL B 82 6.51 1.71 16.84
C VAL B 82 6.59 2.33 15.46
N ARG B 83 5.72 3.30 15.21
CA ARG B 83 5.67 4.03 13.94
C ARG B 83 7.02 4.65 13.58
N ASP B 84 7.71 5.26 14.55
CA ASP B 84 9.02 5.83 14.29
C ASP B 84 10.02 4.74 13.90
N LEU B 85 9.90 3.54 14.52
CA LEU B 85 10.78 2.43 14.17
C LEU B 85 10.48 1.94 12.76
N ASP B 86 9.22 2.07 12.33
CA ASP B 86 8.84 1.76 10.96
C ASP B 86 9.51 2.72 9.99
N TYR B 87 9.55 3.97 10.38
CA TYR B 87 10.19 4.99 9.56
C TYR B 87 11.69 4.74 9.43
N PHE B 88 12.34 4.36 10.54
CA PHE B 88 13.78 4.20 10.54
C PHE B 88 14.17 3.08 9.58
N LEU B 89 13.43 1.97 9.66
CA LEU B 89 13.70 0.80 8.87
C LEU B 89 13.50 1.09 7.38
N ARG B 90 12.40 1.78 7.05
CA ARG B 90 12.02 1.99 5.65
C ARG B 90 13.00 2.97 5.00
N TYR B 91 13.24 4.10 5.67
CA TYR B 91 14.12 5.14 5.12
C TYR B 91 15.57 4.65 5.11
N ALA B 92 15.92 3.72 6.00
CA ALA B 92 17.22 3.08 5.94
C ALA B 92 17.31 2.21 4.70
N THR B 93 16.22 1.52 4.38
CA THR B 93 16.18 0.63 3.21
C THR B 93 16.28 1.47 1.94
N TYR B 94 15.62 2.64 1.95
CA TYR B 94 15.74 3.58 0.84
C TYR B 94 17.20 4.01 0.71
N ALA B 95 17.78 4.48 1.82
CA ALA B 95 19.16 4.94 1.85
C ALA B 95 20.11 3.86 1.34
N MET B 96 19.85 2.62 1.77
CA MET B 96 20.74 1.54 1.39
C MET B 96 20.66 1.32 -0.12
N LEU B 97 19.45 1.37 -0.68
CA LEU B 97 19.26 1.22 -2.12
C LEU B 97 19.94 2.37 -2.87
N ALA B 98 19.91 3.55 -2.26
CA ALA B 98 20.51 4.72 -2.88
C ALA B 98 22.02 4.60 -2.87
N GLY B 99 22.56 3.98 -1.80
CA GLY B 99 23.99 3.97 -1.54
C GLY B 99 24.51 5.29 -0.97
N ASP B 100 23.58 6.14 -0.48
CA ASP B 100 23.89 7.43 0.14
C ASP B 100 23.02 7.62 1.38
N THR B 101 23.51 8.39 2.36
CA THR B 101 22.76 8.67 3.59
C THR B 101 21.95 9.95 3.46
N SER B 102 22.10 10.65 2.34
CA SER B 102 21.42 11.91 2.07
C SER B 102 19.95 11.91 2.48
N ILE B 103 19.16 10.95 1.99
CA ILE B 103 17.73 10.98 2.22
C ILE B 103 17.41 10.90 3.73
N LEU B 104 18.33 10.33 4.50
CA LEU B 104 18.10 10.19 5.94
C LEU B 104 18.23 11.54 6.63
N ASP B 105 19.21 12.33 6.16
CA ASP B 105 19.41 13.68 6.63
C ASP B 105 18.19 14.54 6.34
N GLU B 106 17.58 14.37 5.16
CA GLU B 106 16.46 15.19 4.71
C GLU B 106 15.15 14.81 5.40
N ARG B 107 14.79 13.52 5.43
CA ARG B 107 13.46 13.11 5.87
C ARG B 107 13.44 12.56 7.30
N ILE B 108 14.59 12.29 7.94
CA ILE B 108 14.55 11.67 9.25
C ILE B 108 15.27 12.51 10.30
N LEU B 109 16.54 12.90 10.05
CA LEU B 109 17.35 13.52 11.08
C LEU B 109 17.00 15.00 11.28
N ASN B 110 16.45 15.65 10.25
CA ASN B 110 16.18 17.07 10.35
C ASN B 110 15.23 17.34 11.51
N GLY B 111 15.76 17.87 12.61
CA GLY B 111 14.94 18.32 13.72
C GLY B 111 14.50 17.21 14.66
N LEU B 112 15.04 16.00 14.50
CA LEU B 112 14.54 14.89 15.27
C LEU B 112 14.96 15.03 16.73
N ARG B 113 16.26 15.29 16.95
CA ARG B 113 16.82 15.50 18.27
C ARG B 113 16.02 16.57 19.02
N GLU B 114 15.71 17.66 18.33
CA GLU B 114 15.08 18.81 18.98
C GLU B 114 13.61 18.47 19.26
N THR B 115 12.92 17.91 18.26
CA THR B 115 11.56 17.40 18.43
C THR B 115 11.46 16.43 19.63
N TYR B 116 12.37 15.46 19.69
CA TYR B 116 12.42 14.48 20.78
C TYR B 116 12.66 15.14 22.14
N ASN B 117 13.57 16.12 22.21
CA ASN B 117 13.91 16.76 23.47
C ASN B 117 12.72 17.51 24.04
N SER B 118 11.98 18.21 23.17
CA SER B 118 10.81 18.97 23.57
C SER B 118 9.73 18.06 24.16
N LEU B 119 9.41 16.96 23.46
CA LEU B 119 8.37 16.04 23.90
C LEU B 119 8.85 15.15 25.05
N GLY B 120 10.18 15.05 25.25
CA GLY B 120 10.74 14.17 26.26
C GLY B 120 10.82 12.71 25.82
N VAL B 121 11.08 12.45 24.54
CA VAL B 121 11.34 11.11 24.08
C VAL B 121 12.79 10.79 24.47
N PRO B 122 13.02 9.74 25.27
CA PRO B 122 14.36 9.46 25.78
C PRO B 122 15.31 9.08 24.63
N ILE B 123 16.46 9.76 24.57
CA ILE B 123 17.44 9.59 23.52
C ILE B 123 18.24 8.30 23.70
N GLY B 124 18.61 8.00 24.96
CA GLY B 124 19.38 6.80 25.26
C GLY B 124 18.66 5.52 24.81
N ALA B 125 17.37 5.45 25.20
CA ALA B 125 16.53 4.30 24.90
C ALA B 125 16.28 4.22 23.40
N THR B 126 16.13 5.37 22.72
CA THR B 126 15.91 5.35 21.28
C THR B 126 17.14 4.78 20.60
N ILE B 127 18.33 5.21 21.04
CA ILE B 127 19.56 4.77 20.40
C ILE B 127 19.70 3.26 20.59
N ARG B 128 19.33 2.77 21.76
CA ARG B 128 19.40 1.32 21.98
C ARG B 128 18.49 0.55 21.02
N SER B 129 17.31 1.11 20.72
CA SER B 129 16.35 0.42 19.87
C SER B 129 16.88 0.42 18.44
N VAL B 130 17.60 1.48 18.05
CA VAL B 130 18.23 1.52 16.75
C VAL B 130 19.30 0.42 16.65
N GLN B 131 20.09 0.29 17.70
CA GLN B 131 21.16 -0.67 17.75
C GLN B 131 20.56 -2.07 17.73
N ALA B 132 19.46 -2.29 18.47
CA ALA B 132 18.80 -3.59 18.44
C ALA B 132 18.32 -3.89 17.03
N MET B 133 17.74 -2.89 16.37
CA MET B 133 17.19 -3.10 15.04
C MET B 133 18.34 -3.47 14.09
N LYS B 134 19.46 -2.75 14.19
CA LYS B 134 20.63 -3.04 13.36
C LYS B 134 20.98 -4.53 13.40
N GLU B 135 20.97 -5.08 14.60
CA GLU B 135 21.33 -6.47 14.87
C GLU B 135 20.26 -7.43 14.38
N VAL B 136 18.96 -7.08 14.55
CA VAL B 136 17.86 -7.92 14.10
C VAL B 136 17.87 -8.07 12.58
N VAL B 137 18.24 -6.98 11.89
CA VAL B 137 18.34 -6.98 10.43
C VAL B 137 19.49 -7.86 9.95
N THR B 138 20.67 -7.75 10.58
CA THR B 138 21.85 -8.51 10.14
C THR B 138 21.59 -9.99 10.31
N SER B 139 20.86 -10.33 11.38
CA SER B 139 20.46 -11.70 11.66
C SER B 139 19.61 -12.31 10.56
N LEU B 140 18.85 -11.51 9.81
CA LEU B 140 17.93 -12.01 8.80
C LEU B 140 18.55 -11.91 7.41
N VAL B 141 19.30 -10.84 7.13
CA VAL B 141 19.81 -10.59 5.78
C VAL B 141 21.23 -11.08 5.59
N GLY B 142 21.95 -11.37 6.70
CA GLY B 142 23.34 -11.80 6.64
C GLY B 142 24.35 -10.65 6.82
N ALA B 143 25.64 -11.01 6.81
CA ALA B 143 26.65 -10.14 7.36
C ALA B 143 26.97 -9.01 6.37
N ASP B 144 27.21 -9.32 5.09
CA ASP B 144 27.55 -8.28 4.13
C ASP B 144 26.38 -7.31 3.97
N ALA B 145 25.17 -7.88 3.88
CA ALA B 145 23.95 -7.12 3.81
C ALA B 145 23.75 -6.27 5.06
N GLY B 146 23.90 -6.91 6.23
CA GLY B 146 23.68 -6.29 7.53
C GLY B 146 24.69 -5.19 7.83
N ARG B 147 25.94 -5.34 7.36
CA ARG B 147 26.97 -4.33 7.59
C ARG B 147 26.54 -3.06 6.84
N GLU B 148 26.06 -3.20 5.59
CA GLU B 148 25.62 -2.07 4.79
C GLU B 148 24.43 -1.37 5.48
N MET B 149 23.34 -2.13 5.70
CA MET B 149 22.20 -1.62 6.43
C MET B 149 22.65 -0.94 7.71
N GLY B 150 23.73 -1.47 8.32
CA GLY B 150 24.26 -0.94 9.57
C GLY B 150 24.76 0.50 9.45
N VAL B 151 25.27 0.88 8.27
CA VAL B 151 25.84 2.19 8.01
C VAL B 151 24.76 3.25 8.23
N TYR B 152 23.58 2.95 7.69
CA TYR B 152 22.48 3.90 7.68
C TYR B 152 21.86 3.92 9.06
N PHE B 153 21.87 2.78 9.78
CA PHE B 153 21.37 2.78 11.15
C PHE B 153 22.33 3.58 12.07
N ASP B 154 23.64 3.44 11.84
CA ASP B 154 24.65 4.13 12.64
C ASP B 154 24.51 5.63 12.38
N HIS B 155 24.11 6.00 11.17
CA HIS B 155 23.90 7.38 10.83
C HIS B 155 22.82 7.97 11.73
N ILE B 156 21.70 7.23 11.88
CA ILE B 156 20.58 7.69 12.68
C ILE B 156 21.01 7.83 14.14
N ALA B 157 21.68 6.78 14.65
CA ALA B 157 22.21 6.79 16.02
C ALA B 157 23.15 7.99 16.27
N ALA B 158 24.09 8.21 15.35
CA ALA B 158 25.01 9.35 15.47
C ALA B 158 24.25 10.68 15.52
N GLY B 159 23.23 10.84 14.67
CA GLY B 159 22.46 12.06 14.58
C GLY B 159 21.69 12.40 15.86
N LEU B 160 21.32 11.36 16.61
CA LEU B 160 20.62 11.57 17.86
C LEU B 160 21.59 11.81 19.02
N SER B 161 22.90 11.89 18.80
CA SER B 161 23.84 12.03 19.90
C SER B 161 24.61 13.35 19.87
N LEU B 162 24.46 14.13 18.80
CA LEU B 162 25.04 15.47 18.72
C LEU B 162 24.85 16.18 20.06
N GLY C 2 -9.33 14.99 28.90
CA GLY C 2 -10.63 15.11 28.21
C GLY C 2 -11.77 14.49 29.02
N SER C 3 -12.95 15.11 28.91
CA SER C 3 -14.13 14.71 29.65
C SER C 3 -15.31 15.37 28.96
N ILE C 4 -16.53 15.07 29.48
CA ILE C 4 -17.75 15.60 28.91
C ILE C 4 -17.75 17.13 29.01
N VAL C 5 -17.18 17.65 30.10
CA VAL C 5 -17.04 19.08 30.27
C VAL C 5 -16.13 19.67 29.19
N THR C 6 -14.95 19.08 29.03
CA THR C 6 -14.04 19.43 27.95
C THR C 6 -14.77 19.41 26.60
N GLU C 7 -15.63 18.41 26.40
CA GLU C 7 -16.29 18.18 25.13
C GLU C 7 -17.32 19.26 24.87
N LEU C 8 -18.15 19.56 25.86
CA LEU C 8 -19.11 20.65 25.69
C LEU C 8 -18.41 21.96 25.32
N ILE C 9 -17.30 22.24 26.00
CA ILE C 9 -16.66 23.54 25.89
C ILE C 9 -16.07 23.65 24.50
N LEU C 10 -15.32 22.62 24.08
CA LEU C 10 -14.66 22.63 22.77
C LEU C 10 -15.68 22.76 21.65
N ASN C 11 -16.86 22.18 21.83
CA ASN C 11 -17.97 22.42 20.93
C ASN C 11 -18.24 23.90 20.79
N ALA C 12 -18.55 24.57 21.91
CA ALA C 12 -18.85 26.00 21.90
C ALA C 12 -17.72 26.79 21.25
N ASP C 13 -16.48 26.42 21.60
CA ASP C 13 -15.31 27.11 21.08
C ASP C 13 -15.33 26.98 19.55
N SER C 14 -15.69 25.80 19.06
CA SER C 14 -15.67 25.49 17.63
C SER C 14 -16.56 26.47 16.88
N GLU C 15 -17.73 26.80 17.44
CA GLU C 15 -18.62 27.76 16.81
C GLU C 15 -18.39 29.17 17.37
N SER C 16 -17.24 29.40 18.03
CA SER C 16 -16.85 30.72 18.52
C SER C 16 -17.95 31.37 19.35
N ARG C 17 -18.58 30.64 20.28
CA ARG C 17 -19.70 31.17 21.04
C ARG C 17 -19.67 30.66 22.49
N TYR C 18 -20.61 31.16 23.30
CA TYR C 18 -20.74 30.77 24.69
C TYR C 18 -21.49 29.46 24.69
N PRO C 19 -21.37 28.64 25.75
CA PRO C 19 -22.20 27.46 25.89
C PRO C 19 -23.67 27.81 25.64
N ALA C 20 -24.37 26.93 24.94
CA ALA C 20 -25.76 27.15 24.62
C ALA C 20 -26.64 26.36 25.58
N PRO C 21 -27.94 26.73 25.66
CA PRO C 21 -28.91 26.03 26.50
C PRO C 21 -28.70 24.52 26.64
N LYS C 22 -28.65 23.85 25.46
CA LYS C 22 -28.54 22.40 25.39
C LYS C 22 -27.27 21.92 26.08
N GLU C 23 -26.17 22.63 25.87
CA GLU C 23 -24.90 22.29 26.47
C GLU C 23 -24.95 22.53 27.99
N ILE C 24 -25.56 23.63 28.45
CA ILE C 24 -25.66 23.89 29.88
C ILE C 24 -26.49 22.79 30.55
N GLN C 25 -27.68 22.46 29.98
CA GLN C 25 -28.51 21.38 30.48
C GLN C 25 -27.70 20.09 30.68
N VAL C 26 -26.95 19.67 29.65
CA VAL C 26 -26.15 18.46 29.74
C VAL C 26 -25.22 18.54 30.95
N TYR C 27 -24.49 19.66 31.04
CA TYR C 27 -23.53 19.94 32.11
C TYR C 27 -24.22 19.77 33.48
N GLN C 28 -25.37 20.44 33.63
CA GLN C 28 -26.10 20.46 34.89
C GLN C 28 -26.56 19.06 35.26
N ASN C 29 -26.89 18.26 34.24
CA ASN C 29 -27.33 16.88 34.48
C ASN C 29 -26.15 15.99 34.86
N PHE C 30 -24.95 16.31 34.36
CA PHE C 30 -23.80 15.45 34.59
C PHE C 30 -23.26 15.64 36.00
N VAL C 31 -23.06 16.90 36.41
CA VAL C 31 -22.57 17.18 37.75
C VAL C 31 -23.56 16.65 38.78
N LYS C 32 -24.87 16.64 38.44
CA LYS C 32 -25.92 16.12 39.31
C LYS C 32 -25.63 14.68 39.76
N THR C 33 -25.07 13.86 38.87
CA THR C 33 -24.85 12.44 39.12
C THR C 33 -23.48 12.17 39.75
N GLY C 34 -22.83 13.21 40.25
CA GLY C 34 -21.49 13.10 40.82
C GLY C 34 -21.39 12.04 41.91
N GLU C 35 -22.33 12.07 42.88
CA GLU C 35 -22.28 11.18 44.04
C GLU C 35 -22.21 9.73 43.55
N GLN C 36 -23.13 9.42 42.61
CA GLN C 36 -23.33 8.08 42.09
C GLN C 36 -22.11 7.63 41.27
N ARG C 37 -21.59 8.52 40.42
CA ARG C 37 -20.49 8.16 39.56
C ARG C 37 -19.30 7.74 40.41
N ILE C 38 -19.12 8.42 41.56
CA ILE C 38 -18.03 8.06 42.46
C ILE C 38 -18.26 6.70 43.11
N ARG C 39 -19.53 6.31 43.34
CA ARG C 39 -19.84 4.99 43.87
C ARG C 39 -19.27 3.91 42.95
N ILE C 40 -19.76 3.91 41.71
CA ILE C 40 -19.36 2.92 40.72
C ILE C 40 -17.84 2.84 40.67
N ALA C 41 -17.19 4.00 40.75
CA ALA C 41 -15.74 4.06 40.64
C ALA C 41 -15.09 3.27 41.76
N LYS C 42 -15.57 3.45 43.00
CA LYS C 42 -15.02 2.75 44.16
C LYS C 42 -15.36 1.26 44.11
N ILE C 43 -16.55 0.89 43.61
CA ILE C 43 -16.91 -0.51 43.46
C ILE C 43 -15.84 -1.19 42.61
N LEU C 44 -15.47 -0.55 41.50
CA LEU C 44 -14.48 -1.10 40.60
C LEU C 44 -13.09 -1.07 41.22
N ALA C 45 -12.81 -0.03 42.04
CA ALA C 45 -11.49 0.12 42.63
C ALA C 45 -11.15 -1.12 43.46
N GLU C 46 -12.00 -1.40 44.44
CA GLU C 46 -11.74 -2.44 45.42
C GLU C 46 -11.98 -3.82 44.81
N ASN C 47 -12.91 -3.95 43.85
CA ASN C 47 -13.24 -5.26 43.34
C ASN C 47 -12.34 -5.69 42.17
N GLU C 48 -11.39 -4.84 41.75
CA GLU C 48 -10.53 -5.12 40.60
C GLU C 48 -10.03 -6.57 40.62
N GLN C 49 -9.24 -6.90 41.67
CA GLN C 49 -8.61 -8.19 41.77
C GLN C 49 -9.65 -9.29 41.47
N ARG C 50 -10.80 -9.21 42.15
CA ARG C 50 -11.88 -10.17 41.96
C ARG C 50 -12.29 -10.26 40.49
N ILE C 51 -12.50 -9.10 39.85
CA ILE C 51 -12.96 -9.07 38.47
C ILE C 51 -11.94 -9.77 37.58
N VAL C 52 -10.66 -9.40 37.75
CA VAL C 52 -9.56 -9.99 37.00
C VAL C 52 -9.60 -11.50 37.24
N GLN C 53 -9.42 -11.94 38.51
CA GLN C 53 -9.33 -13.37 38.84
C GLN C 53 -10.52 -14.12 38.24
N ASN C 54 -11.75 -13.63 38.48
CA ASN C 54 -12.94 -14.34 38.03
C ASN C 54 -13.03 -14.41 36.52
N GLY C 55 -12.89 -13.25 35.86
CA GLY C 55 -13.11 -13.15 34.42
C GLY C 55 -12.07 -13.96 33.62
N SER C 56 -10.84 -14.08 34.15
CA SER C 56 -9.77 -14.80 33.47
C SER C 56 -10.18 -16.26 33.32
N ALA C 57 -10.62 -16.84 34.44
CA ALA C 57 -11.08 -18.23 34.52
C ALA C 57 -12.11 -18.54 33.43
N ARG C 58 -13.18 -17.74 33.36
CA ARG C 58 -14.18 -17.93 32.34
C ARG C 58 -13.54 -17.81 30.96
N PHE C 59 -12.75 -16.74 30.74
CA PHE C 59 -12.11 -16.46 29.45
C PHE C 59 -11.28 -17.65 29.02
N TRP C 60 -10.34 -18.08 29.87
CA TRP C 60 -9.44 -19.17 29.52
C TRP C 60 -10.21 -20.45 29.19
N GLU C 61 -11.34 -20.69 29.87
CA GLU C 61 -12.23 -21.80 29.55
C GLU C 61 -12.68 -21.62 28.09
N ARG C 62 -13.29 -20.46 27.80
CA ARG C 62 -13.86 -20.20 26.49
C ARG C 62 -12.79 -20.34 25.41
N VAL C 63 -11.57 -19.86 25.67
CA VAL C 63 -10.51 -19.92 24.67
C VAL C 63 -9.21 -20.37 25.33
N PRO C 64 -8.84 -21.67 25.23
CA PRO C 64 -7.64 -22.22 25.87
C PRO C 64 -6.33 -21.88 25.18
N ASN C 65 -6.37 -21.76 23.84
CA ASN C 65 -5.16 -21.48 23.09
C ASN C 65 -5.03 -19.96 22.99
N THR C 66 -4.32 -19.39 23.97
CA THR C 66 -4.06 -17.97 24.08
C THR C 66 -2.73 -17.84 24.81
N PRO C 67 -1.89 -16.84 24.42
CA PRO C 67 -0.55 -16.64 24.99
C PRO C 67 -0.54 -16.54 26.51
N SER C 68 -1.62 -15.98 27.06
CA SER C 68 -1.81 -15.91 28.51
C SER C 68 -2.09 -17.27 29.12
N ASN C 69 -2.25 -18.30 28.28
CA ASN C 69 -2.56 -19.64 28.72
C ASN C 69 -1.59 -20.62 28.10
N SER C 70 -0.28 -20.38 28.25
CA SER C 70 0.71 -21.26 27.67
C SER C 70 1.66 -21.72 28.76
N GLY C 71 1.13 -21.79 30.00
CA GLY C 71 1.95 -22.04 31.18
C GLY C 71 3.21 -21.18 31.19
N ASN C 72 3.15 -20.00 30.54
CA ASN C 72 4.20 -19.00 30.67
C ASN C 72 3.71 -17.89 31.59
N GLU C 73 4.38 -17.73 32.75
CA GLU C 73 4.15 -16.56 33.57
C GLU C 73 4.81 -15.39 32.85
N ARG C 74 4.82 -14.20 33.46
CA ARG C 74 5.36 -13.03 32.79
C ARG C 74 4.49 -12.72 31.57
N LYS C 75 3.61 -13.65 31.22
CA LYS C 75 2.71 -13.54 30.09
C LYS C 75 1.29 -13.49 30.65
N THR C 76 0.91 -14.58 31.32
CA THR C 76 -0.32 -14.65 32.09
C THR C 76 -0.44 -13.39 32.96
N ALA C 77 0.65 -13.03 33.64
CA ALA C 77 0.65 -11.85 34.50
C ALA C 77 0.43 -10.55 33.71
N SER C 78 1.16 -10.37 32.60
CA SER C 78 0.98 -9.23 31.72
C SER C 78 -0.48 -9.10 31.30
N CYS C 79 -1.05 -10.20 30.77
CA CYS C 79 -2.48 -10.21 30.44
C CYS C 79 -3.35 -9.69 31.59
N GLN C 80 -3.14 -10.25 32.77
CA GLN C 80 -3.97 -9.89 33.92
C GLN C 80 -3.69 -8.45 34.33
N ARG C 81 -2.43 -8.01 34.22
CA ARG C 81 -2.09 -6.61 34.47
C ARG C 81 -2.91 -5.73 33.52
N ASP C 82 -2.82 -6.03 32.23
CA ASP C 82 -3.57 -5.27 31.25
C ASP C 82 -5.05 -5.22 31.64
N GLN C 83 -5.61 -6.39 31.98
CA GLN C 83 -7.01 -6.42 32.38
C GLN C 83 -7.27 -5.37 33.45
N GLY C 84 -6.44 -5.38 34.50
CA GLY C 84 -6.62 -4.50 35.63
C GLY C 84 -6.60 -3.04 35.20
N TRP C 85 -5.65 -2.73 34.31
CA TRP C 85 -5.49 -1.41 33.75
C TRP C 85 -6.73 -0.92 32.96
N TYR C 86 -7.40 -1.80 32.21
CA TYR C 86 -8.59 -1.39 31.49
C TYR C 86 -9.68 -1.02 32.49
N ILE C 87 -9.68 -1.70 33.65
CA ILE C 87 -10.68 -1.42 34.68
C ILE C 87 -10.45 0.01 35.21
N ARG C 88 -9.18 0.36 35.44
CA ARG C 88 -8.84 1.68 35.93
C ARG C 88 -9.36 2.76 34.99
N LEU C 89 -9.23 2.47 33.68
CA LEU C 89 -9.60 3.40 32.64
C LEU C 89 -11.11 3.55 32.57
N ILE C 90 -11.82 2.41 32.59
CA ILE C 90 -13.28 2.38 32.66
C ILE C 90 -13.74 3.28 33.82
N ALA C 91 -13.16 3.08 34.99
CA ALA C 91 -13.50 3.91 36.14
C ALA C 91 -13.17 5.39 35.92
N TYR C 92 -11.96 5.70 35.44
CA TYR C 92 -11.67 7.10 35.09
C TYR C 92 -12.78 7.65 34.22
N SER C 93 -13.18 6.87 33.23
CA SER C 93 -14.21 7.27 32.28
C SER C 93 -15.55 7.48 32.98
N VAL C 94 -15.85 6.60 33.94
CA VAL C 94 -17.13 6.72 34.62
C VAL C 94 -17.19 8.08 35.31
N LEU C 95 -16.07 8.50 35.91
CA LEU C 95 -15.97 9.79 36.55
C LEU C 95 -16.10 10.94 35.54
N ALA C 96 -15.37 10.83 34.43
CA ALA C 96 -15.33 11.89 33.44
C ALA C 96 -16.67 12.02 32.72
N GLY C 97 -17.48 10.96 32.75
CA GLY C 97 -18.79 11.00 32.11
C GLY C 97 -18.67 10.93 30.59
N SER C 98 -17.54 10.36 30.16
CA SER C 98 -17.18 10.22 28.78
C SER C 98 -16.20 9.06 28.65
N GLU C 99 -16.01 8.58 27.42
CA GLU C 99 -15.00 7.57 27.16
C GLU C 99 -13.64 8.18 26.78
N LYS C 100 -13.49 9.51 26.85
CA LYS C 100 -12.25 10.20 26.44
C LYS C 100 -11.03 9.72 27.22
N PRO C 101 -11.06 9.58 28.57
CA PRO C 101 -9.95 8.96 29.33
C PRO C 101 -9.50 7.59 28.77
N LEU C 102 -10.45 6.67 28.63
CA LEU C 102 -10.16 5.36 28.06
C LEU C 102 -9.60 5.47 26.63
N GLU C 103 -10.10 6.42 25.85
CA GLU C 103 -9.63 6.69 24.50
C GLU C 103 -8.16 7.10 24.48
N GLU C 104 -7.84 8.21 25.16
CA GLU C 104 -6.50 8.80 25.17
C GLU C 104 -5.48 7.81 25.76
N ILE C 105 -5.85 7.08 26.82
CA ILE C 105 -4.91 6.22 27.52
C ILE C 105 -4.88 4.83 26.88
N GLY C 106 -6.06 4.24 26.63
CA GLY C 106 -6.19 2.81 26.37
C GLY C 106 -6.61 2.42 24.93
N THR C 107 -7.22 3.32 24.16
CA THR C 107 -7.98 2.88 23.00
C THR C 107 -7.31 3.34 21.71
N ILE C 108 -6.80 4.56 21.65
CA ILE C 108 -6.04 5.04 20.48
C ILE C 108 -4.69 4.31 20.43
N GLY C 109 -4.47 3.48 19.40
CA GLY C 109 -3.21 2.76 19.23
C GLY C 109 -3.26 1.32 19.76
N ILE C 110 -4.41 0.91 20.29
CA ILE C 110 -4.57 -0.41 20.89
C ILE C 110 -4.23 -1.50 19.88
N LYS C 111 -4.67 -1.35 18.63
CA LYS C 111 -4.43 -2.35 17.61
C LYS C 111 -2.96 -2.38 17.25
N GLU C 112 -2.39 -1.20 16.99
CA GLU C 112 -1.00 -1.12 16.59
C GLU C 112 -0.15 -1.74 17.69
N MET C 113 -0.51 -1.47 18.95
CA MET C 113 0.28 -1.97 20.07
C MET C 113 0.19 -3.49 20.19
N TYR C 114 -1.04 -4.00 20.29
CA TYR C 114 -1.24 -5.42 20.51
C TYR C 114 -0.81 -6.20 19.29
N ASN C 115 -0.90 -5.62 18.11
CA ASN C 115 -0.39 -6.35 16.95
C ASN C 115 1.12 -6.56 17.06
N ASN C 116 1.82 -5.56 17.58
CA ASN C 116 3.27 -5.57 17.66
C ASN C 116 3.71 -6.55 18.73
N LEU C 117 2.84 -6.81 19.74
CA LEU C 117 3.09 -7.80 20.77
C LEU C 117 2.67 -9.22 20.34
N GLU C 118 2.05 -9.34 19.18
CA GLU C 118 1.69 -10.61 18.58
C GLU C 118 0.59 -11.29 19.40
N ILE C 119 -0.42 -10.52 19.79
CA ILE C 119 -1.51 -11.02 20.62
C ILE C 119 -2.77 -10.91 19.78
N PRO C 120 -3.50 -12.03 19.53
CA PRO C 120 -4.68 -12.01 18.67
C PRO C 120 -5.74 -11.09 19.25
N LEU C 121 -6.19 -10.16 18.40
CA LEU C 121 -7.15 -9.14 18.79
C LEU C 121 -8.48 -9.75 19.25
N ARG C 122 -8.98 -10.76 18.52
CA ARG C 122 -10.26 -11.41 18.81
C ARG C 122 -10.24 -12.00 20.22
N ASN C 123 -9.07 -12.52 20.62
CA ASN C 123 -8.94 -13.12 21.93
C ASN C 123 -9.15 -12.05 23.00
N ILE C 124 -8.60 -10.85 22.75
CA ILE C 124 -8.70 -9.81 23.74
C ILE C 124 -10.18 -9.44 23.88
N VAL C 125 -10.87 -9.33 22.74
CA VAL C 125 -12.26 -8.95 22.71
C VAL C 125 -13.05 -9.92 23.60
N GLU C 126 -12.85 -11.22 23.37
CA GLU C 126 -13.51 -12.27 24.15
C GLU C 126 -13.19 -12.08 25.64
N CYS C 127 -11.92 -11.80 25.97
CA CYS C 127 -11.52 -11.62 27.37
C CYS C 127 -12.28 -10.46 27.99
N MET C 128 -12.44 -9.36 27.23
CA MET C 128 -13.09 -8.17 27.76
C MET C 128 -14.57 -8.44 28.00
N ARG C 129 -15.20 -9.28 27.15
CA ARG C 129 -16.58 -9.69 27.34
C ARG C 129 -16.72 -10.36 28.70
N CYS C 130 -15.78 -11.24 29.04
CA CYS C 130 -15.87 -11.98 30.30
C CYS C 130 -15.82 -10.98 31.46
N LEU C 131 -14.91 -10.01 31.35
CA LEU C 131 -14.70 -9.01 32.40
C LEU C 131 -15.96 -8.16 32.59
N LYS C 132 -16.65 -7.83 31.48
CA LYS C 132 -17.88 -7.06 31.50
C LYS C 132 -18.92 -7.75 32.41
N GLU C 133 -19.28 -9.00 32.06
CA GLU C 133 -20.31 -9.76 32.76
C GLU C 133 -20.02 -9.76 34.27
N GLU C 134 -18.77 -9.96 34.65
CA GLU C 134 -18.38 -9.97 36.06
C GLU C 134 -18.65 -8.62 36.71
N ALA C 135 -18.28 -7.53 36.04
CA ALA C 135 -18.43 -6.20 36.61
C ALA C 135 -19.90 -5.88 36.82
N LEU C 136 -20.74 -6.26 35.85
CA LEU C 136 -22.18 -6.06 35.93
C LEU C 136 -22.82 -6.89 37.05
N SER C 137 -22.18 -8.01 37.43
CA SER C 137 -22.65 -8.83 38.55
C SER C 137 -22.73 -8.01 39.85
N LEU C 138 -21.86 -7.01 40.04
CA LEU C 138 -21.79 -6.27 41.30
C LEU C 138 -22.32 -4.85 41.11
N MET C 139 -23.06 -4.62 40.02
CA MET C 139 -23.55 -3.29 39.68
C MET C 139 -25.07 -3.24 39.85
N SER C 140 -25.61 -2.03 39.96
CA SER C 140 -27.04 -1.83 40.05
C SER C 140 -27.67 -2.02 38.68
N GLU C 141 -29.00 -2.11 38.67
CA GLU C 141 -29.74 -2.32 37.44
C GLU C 141 -29.74 -0.99 36.67
N GLU C 142 -29.33 0.09 37.36
CA GLU C 142 -29.25 1.46 36.87
C GLU C 142 -27.84 1.76 36.29
N ASP C 143 -26.79 1.37 37.02
CA ASP C 143 -25.42 1.73 36.67
C ASP C 143 -24.92 0.86 35.52
N ALA C 144 -25.44 -0.38 35.44
CA ALA C 144 -25.05 -1.36 34.45
C ALA C 144 -24.88 -0.72 33.08
N LEU C 145 -26.01 -0.30 32.49
CA LEU C 145 -26.06 0.21 31.13
C LEU C 145 -24.79 1.02 30.81
N GLU C 146 -24.59 2.12 31.54
CA GLU C 146 -23.45 3.02 31.42
C GLU C 146 -22.13 2.24 31.43
N VAL C 147 -21.92 1.49 32.52
CA VAL C 147 -20.64 0.82 32.71
C VAL C 147 -20.38 -0.16 31.57
N SER C 148 -21.38 -1.00 31.26
CA SER C 148 -21.19 -2.01 30.25
C SER C 148 -20.73 -1.35 28.95
N ALA C 149 -21.33 -0.20 28.62
CA ALA C 149 -21.02 0.55 27.40
C ALA C 149 -19.52 0.82 27.27
N TYR C 150 -18.82 1.08 28.39
CA TYR C 150 -17.39 1.36 28.40
C TYR C 150 -16.59 0.11 28.05
N PHE C 151 -17.00 -1.06 28.54
CA PHE C 151 -16.37 -2.31 28.12
C PHE C 151 -16.62 -2.55 26.63
N ASP C 152 -17.85 -2.24 26.21
CA ASP C 152 -18.27 -2.39 24.83
C ASP C 152 -17.35 -1.56 23.95
N TYR C 153 -17.07 -0.34 24.40
CA TYR C 153 -16.23 0.57 23.66
C TYR C 153 -14.86 -0.07 23.38
N VAL C 154 -14.25 -0.67 24.43
CA VAL C 154 -12.95 -1.29 24.27
C VAL C 154 -13.02 -2.33 23.16
N MET C 155 -13.99 -3.25 23.27
CA MET C 155 -14.20 -4.33 22.31
C MET C 155 -14.33 -3.78 20.89
N ARG C 156 -15.15 -2.73 20.74
CA ARG C 156 -15.40 -2.12 19.44
C ARG C 156 -14.07 -1.68 18.83
N SER C 157 -13.18 -1.13 19.67
CA SER C 157 -11.92 -0.55 19.22
C SER C 157 -10.94 -1.62 18.73
N LEU C 158 -11.17 -2.88 19.08
CA LEU C 158 -10.33 -3.96 18.59
C LEU C 158 -10.91 -4.62 17.34
N SER C 159 -12.12 -4.19 16.91
CA SER C 159 -12.79 -4.73 15.75
C SER C 159 -12.92 -3.63 14.69
N GLY D 2 -4.22 -3.11 -14.54
CA GLY D 2 -3.10 -2.37 -15.15
C GLY D 2 -1.84 -3.23 -15.30
N SER D 3 -0.75 -2.62 -15.70
CA SER D 3 0.46 -3.34 -16.01
C SER D 3 1.61 -2.36 -15.98
N ILE D 4 2.82 -2.83 -16.28
CA ILE D 4 3.98 -1.97 -16.24
C ILE D 4 3.80 -0.90 -17.32
N VAL D 5 3.26 -1.32 -18.49
CA VAL D 5 3.01 -0.38 -19.58
C VAL D 5 2.03 0.73 -19.20
N THR D 6 0.94 0.33 -18.59
CA THR D 6 -0.03 1.28 -18.10
C THR D 6 0.59 2.24 -17.10
N GLU D 7 1.48 1.74 -16.23
CA GLU D 7 2.03 2.61 -15.20
C GLU D 7 2.88 3.69 -15.88
N LEU D 8 3.71 3.31 -16.86
CA LEU D 8 4.55 4.25 -17.59
C LEU D 8 3.73 5.33 -18.29
N ILE D 9 2.67 4.90 -18.98
CA ILE D 9 1.84 5.83 -19.72
C ILE D 9 1.17 6.79 -18.75
N LEU D 10 0.58 6.27 -17.68
CA LEU D 10 -0.16 7.10 -16.76
C LEU D 10 0.78 8.08 -16.06
N ASN D 11 2.07 7.74 -16.03
CA ASN D 11 3.05 8.60 -15.40
C ASN D 11 3.22 9.86 -16.24
N ALA D 12 3.54 9.62 -17.52
CA ALA D 12 3.64 10.67 -18.50
C ALA D 12 2.35 11.49 -18.56
N ASP D 13 1.20 10.82 -18.48
CA ASP D 13 -0.07 11.51 -18.57
C ASP D 13 -0.18 12.56 -17.47
N SER D 14 0.31 12.25 -16.28
CA SER D 14 0.13 13.12 -15.12
C SER D 14 1.04 14.34 -15.24
N GLU D 15 2.11 14.26 -16.04
CA GLU D 15 2.96 15.40 -16.33
C GLU D 15 2.60 16.03 -17.67
N SER D 16 1.47 15.62 -18.27
CA SER D 16 1.02 16.18 -19.54
C SER D 16 2.13 16.18 -20.59
N ARG D 17 2.85 15.07 -20.76
CA ARG D 17 3.89 15.00 -21.77
C ARG D 17 4.03 13.61 -22.39
N TYR D 18 4.98 13.48 -23.32
CA TYR D 18 5.21 12.19 -23.95
C TYR D 18 6.06 11.32 -23.01
N PRO D 19 6.20 10.01 -23.29
CA PRO D 19 7.10 9.17 -22.54
C PRO D 19 8.51 9.76 -22.56
N ALA D 20 9.20 9.65 -21.43
CA ALA D 20 10.56 10.12 -21.34
C ALA D 20 11.53 9.02 -21.75
N PRO D 21 12.81 9.37 -21.95
CA PRO D 21 13.88 8.38 -22.18
C PRO D 21 13.90 7.24 -21.17
N LYS D 22 13.70 7.55 -19.87
CA LYS D 22 13.68 6.54 -18.81
C LYS D 22 12.48 5.63 -18.97
N GLU D 23 11.30 6.19 -19.24
CA GLU D 23 10.08 5.40 -19.42
C GLU D 23 10.19 4.50 -20.65
N ILE D 24 10.82 4.98 -21.72
CA ILE D 24 10.99 4.15 -22.90
C ILE D 24 11.96 3.00 -22.61
N GLN D 25 13.05 3.22 -21.87
CA GLN D 25 13.99 2.15 -21.61
C GLN D 25 13.33 1.03 -20.78
N VAL D 26 12.55 1.43 -19.74
CA VAL D 26 11.82 0.48 -18.89
C VAL D 26 10.94 -0.45 -19.73
N TYR D 27 10.19 0.18 -20.65
CA TYR D 27 9.34 -0.50 -21.62
C TYR D 27 10.12 -1.50 -22.47
N GLN D 28 11.29 -1.09 -22.97
CA GLN D 28 12.11 -1.95 -23.83
C GLN D 28 12.69 -3.13 -23.06
N ASN D 29 13.14 -2.89 -21.83
CA ASN D 29 13.64 -3.98 -21.00
C ASN D 29 12.50 -4.93 -20.64
N PHE D 30 11.30 -4.40 -20.40
CA PHE D 30 10.15 -5.20 -20.03
C PHE D 30 9.72 -6.17 -21.15
N VAL D 31 9.42 -5.66 -22.35
CA VAL D 31 8.95 -6.50 -23.45
C VAL D 31 10.02 -7.48 -23.88
N LYS D 32 11.30 -7.20 -23.57
CA LYS D 32 12.40 -8.08 -23.94
C LYS D 32 12.31 -9.41 -23.18
N THR D 33 11.67 -9.40 -22.00
CA THR D 33 11.58 -10.55 -21.10
C THR D 33 10.24 -11.26 -21.30
N GLY D 34 9.59 -11.02 -22.44
CA GLY D 34 8.24 -11.52 -22.67
C GLY D 34 8.15 -13.04 -22.76
N GLU D 35 9.00 -13.63 -23.61
CA GLU D 35 8.99 -15.07 -23.80
C GLU D 35 9.17 -15.80 -22.47
N GLN D 36 10.12 -15.34 -21.64
CA GLN D 36 10.39 -15.97 -20.34
C GLN D 36 9.18 -15.87 -19.42
N ARG D 37 8.55 -14.69 -19.42
CA ARG D 37 7.39 -14.45 -18.59
C ARG D 37 6.29 -15.46 -18.93
N ILE D 38 6.09 -15.70 -20.23
CA ILE D 38 5.06 -16.60 -20.70
C ILE D 38 5.40 -18.05 -20.31
N ARG D 39 6.69 -18.39 -20.24
CA ARG D 39 7.12 -19.72 -19.85
C ARG D 39 6.71 -20.00 -18.40
N ILE D 40 6.96 -19.01 -17.54
CA ILE D 40 6.62 -19.04 -16.13
C ILE D 40 5.11 -19.21 -15.95
N ALA D 41 4.30 -18.41 -16.67
CA ALA D 41 2.88 -18.46 -16.46
C ALA D 41 2.31 -19.80 -16.93
N LYS D 42 2.94 -20.40 -17.93
CA LYS D 42 2.56 -21.72 -18.37
C LYS D 42 2.85 -22.74 -17.25
N ILE D 43 4.04 -22.68 -16.66
CA ILE D 43 4.32 -23.55 -15.54
C ILE D 43 3.16 -23.51 -14.56
N LEU D 44 2.87 -22.33 -14.02
CA LEU D 44 1.83 -22.20 -13.01
C LEU D 44 0.50 -22.80 -13.47
N ALA D 45 0.15 -22.57 -14.74
CA ALA D 45 -1.12 -23.01 -15.28
C ALA D 45 -1.21 -24.54 -15.22
N GLU D 46 -0.20 -25.23 -15.72
CA GLU D 46 -0.28 -26.68 -15.83
C GLU D 46 -0.05 -27.32 -14.46
N ASN D 47 0.38 -26.58 -13.45
CA ASN D 47 0.70 -27.23 -12.19
C ASN D 47 -0.15 -26.70 -11.05
N GLU D 48 -1.35 -26.20 -11.40
CA GLU D 48 -2.29 -25.64 -10.43
C GLU D 48 -2.68 -26.72 -9.41
N GLN D 49 -3.16 -27.88 -9.88
CA GLN D 49 -3.62 -28.92 -8.98
C GLN D 49 -2.48 -29.45 -8.12
N ARG D 50 -1.29 -29.60 -8.73
CA ARG D 50 -0.14 -30.12 -8.01
C ARG D 50 0.19 -29.15 -6.88
N ILE D 51 0.32 -27.86 -7.21
CA ILE D 51 0.72 -26.87 -6.22
C ILE D 51 -0.30 -26.79 -5.08
N VAL D 52 -1.58 -26.69 -5.46
CA VAL D 52 -2.66 -26.58 -4.48
C VAL D 52 -2.67 -27.82 -3.58
N GLN D 53 -2.72 -29.04 -4.16
CA GLN D 53 -2.87 -30.27 -3.38
C GLN D 53 -1.61 -30.55 -2.54
N ASN D 54 -0.42 -30.33 -3.10
CA ASN D 54 0.79 -30.54 -2.32
C ASN D 54 0.88 -29.51 -1.23
N GLY D 55 0.50 -28.25 -1.53
CA GLY D 55 0.56 -27.13 -0.56
C GLY D 55 -0.51 -27.25 0.53
N SER D 56 -1.74 -27.56 0.13
CA SER D 56 -2.79 -27.94 1.06
C SER D 56 -2.28 -28.99 2.06
N ALA D 57 -1.57 -30.01 1.53
CA ALA D 57 -1.09 -31.16 2.30
C ALA D 57 -0.05 -30.70 3.31
N ARG D 58 0.93 -29.89 2.91
CA ARG D 58 1.93 -29.41 3.84
C ARG D 58 1.27 -28.44 4.82
N PHE D 59 0.36 -27.61 4.29
CA PHE D 59 -0.29 -26.56 5.05
C PHE D 59 -1.04 -27.14 6.24
N TRP D 60 -1.92 -28.11 5.96
CA TRP D 60 -2.77 -28.68 6.98
C TRP D 60 -1.98 -29.41 8.06
N GLU D 61 -0.85 -30.02 7.69
CA GLU D 61 0.03 -30.59 8.68
C GLU D 61 0.56 -29.46 9.58
N ARG D 62 1.05 -28.38 8.97
CA ARG D 62 1.53 -27.23 9.70
C ARG D 62 0.44 -26.57 10.57
N VAL D 63 -0.82 -26.56 10.11
CA VAL D 63 -1.88 -25.84 10.82
C VAL D 63 -3.18 -26.67 10.80
N PRO D 64 -3.39 -27.56 11.79
CA PRO D 64 -4.60 -28.40 11.86
C PRO D 64 -5.89 -27.72 12.30
N ASN D 65 -5.78 -26.62 13.08
CA ASN D 65 -6.91 -25.81 13.50
C ASN D 65 -7.17 -24.71 12.49
N THR D 66 -8.09 -24.97 11.58
CA THR D 66 -8.34 -24.09 10.46
C THR D 66 -9.66 -24.50 9.81
N PRO D 67 -10.46 -23.55 9.31
CA PRO D 67 -11.85 -23.88 8.94
C PRO D 67 -12.00 -24.75 7.69
N SER D 68 -10.89 -24.93 6.95
CA SER D 68 -10.82 -25.82 5.78
C SER D 68 -10.48 -27.26 6.18
N ASN D 69 -10.08 -27.42 7.46
CA ASN D 69 -9.70 -28.69 8.02
C ASN D 69 -10.58 -28.99 9.24
N SER D 70 -11.87 -28.66 9.17
CA SER D 70 -12.77 -28.87 10.29
C SER D 70 -13.75 -30.00 9.96
N GLY D 71 -13.37 -30.89 9.04
CA GLY D 71 -14.28 -31.86 8.48
C GLY D 71 -15.50 -31.23 7.80
N ASN D 72 -15.36 -30.01 7.29
CA ASN D 72 -16.43 -29.36 6.55
C ASN D 72 -16.04 -29.28 5.08
N GLU D 73 -16.65 -30.11 4.21
CA GLU D 73 -16.51 -29.89 2.77
C GLU D 73 -17.24 -28.59 2.50
N ARG D 74 -17.21 -28.10 1.28
CA ARG D 74 -17.68 -26.75 1.04
C ARG D 74 -16.62 -25.78 1.56
N LYS D 75 -16.44 -25.76 2.89
CA LYS D 75 -15.36 -25.00 3.50
C LYS D 75 -13.99 -25.44 3.00
N THR D 76 -13.76 -26.74 2.92
CA THR D 76 -12.52 -27.28 2.39
C THR D 76 -12.41 -26.94 0.90
N ALA D 77 -13.52 -27.19 0.17
CA ALA D 77 -13.60 -26.91 -1.25
C ALA D 77 -13.34 -25.41 -1.53
N SER D 78 -13.99 -24.56 -0.74
CA SER D 78 -13.86 -23.12 -0.84
C SER D 78 -12.39 -22.72 -0.69
N CYS D 79 -11.71 -23.25 0.33
CA CYS D 79 -10.33 -22.82 0.56
C CYS D 79 -9.44 -23.30 -0.59
N GLN D 80 -9.74 -24.49 -1.15
CA GLN D 80 -8.88 -25.03 -2.19
C GLN D 80 -9.06 -24.19 -3.44
N ARG D 81 -10.27 -23.64 -3.59
CA ARG D 81 -10.59 -22.87 -4.77
C ARG D 81 -9.78 -21.58 -4.72
N ASP D 82 -9.72 -20.96 -3.52
CA ASP D 82 -9.04 -19.69 -3.29
C ASP D 82 -7.56 -19.80 -3.64
N GLN D 83 -6.95 -20.92 -3.24
CA GLN D 83 -5.54 -21.14 -3.50
C GLN D 83 -5.32 -21.13 -5.02
N GLY D 84 -6.24 -21.76 -5.75
CA GLY D 84 -6.15 -21.82 -7.19
C GLY D 84 -6.26 -20.44 -7.83
N TRP D 85 -7.17 -19.63 -7.26
CA TRP D 85 -7.37 -18.28 -7.71
C TRP D 85 -6.11 -17.43 -7.47
N TYR D 86 -5.45 -17.59 -6.32
CA TYR D 86 -4.27 -16.78 -6.08
C TYR D 86 -3.17 -17.16 -7.06
N ILE D 87 -3.19 -18.40 -7.58
CA ILE D 87 -2.15 -18.82 -8.50
C ILE D 87 -2.39 -18.09 -9.82
N ARG D 88 -3.66 -18.10 -10.22
CA ARG D 88 -4.10 -17.45 -11.44
C ARG D 88 -3.71 -15.96 -11.42
N LEU D 89 -4.03 -15.27 -10.33
CA LEU D 89 -3.70 -13.85 -10.15
C LEU D 89 -2.19 -13.64 -10.24
N ILE D 90 -1.39 -14.54 -9.61
CA ILE D 90 0.05 -14.36 -9.58
C ILE D 90 0.57 -14.50 -11.01
N ALA D 91 -0.02 -15.45 -11.76
CA ALA D 91 0.39 -15.69 -13.13
C ALA D 91 0.12 -14.45 -13.99
N TYR D 92 -1.05 -13.82 -13.78
CA TYR D 92 -1.40 -12.59 -14.47
C TYR D 92 -0.36 -11.51 -14.16
N SER D 93 0.07 -11.44 -12.88
CA SER D 93 1.00 -10.41 -12.45
C SER D 93 2.34 -10.58 -13.15
N VAL D 94 2.75 -11.83 -13.31
CA VAL D 94 4.02 -12.13 -13.95
C VAL D 94 3.95 -11.64 -15.38
N LEU D 95 2.86 -11.97 -16.08
CA LEU D 95 2.69 -11.50 -17.45
C LEU D 95 2.67 -9.97 -17.52
N ALA D 96 2.05 -9.32 -16.53
CA ALA D 96 1.85 -7.87 -16.56
C ALA D 96 3.11 -7.14 -16.19
N GLY D 97 4.07 -7.82 -15.58
CA GLY D 97 5.30 -7.17 -15.14
C GLY D 97 5.12 -6.30 -13.89
N SER D 98 4.00 -6.53 -13.20
CA SER D 98 3.59 -5.72 -12.06
C SER D 98 2.62 -6.50 -11.18
N GLU D 99 2.42 -6.03 -9.93
CA GLU D 99 1.50 -6.64 -9.00
C GLU D 99 0.13 -6.00 -9.14
N LYS D 100 -0.05 -5.18 -10.18
CA LYS D 100 -1.31 -4.48 -10.40
C LYS D 100 -2.47 -5.48 -10.54
N PRO D 101 -2.41 -6.51 -11.46
CA PRO D 101 -3.47 -7.52 -11.62
C PRO D 101 -3.87 -8.17 -10.32
N LEU D 102 -2.86 -8.63 -9.57
CA LEU D 102 -2.99 -9.21 -8.23
C LEU D 102 -3.61 -8.21 -7.24
N GLU D 103 -3.14 -6.96 -7.25
CA GLU D 103 -3.63 -5.91 -6.36
C GLU D 103 -5.12 -5.65 -6.61
N GLU D 104 -5.48 -5.33 -7.86
CA GLU D 104 -6.85 -4.98 -8.22
C GLU D 104 -7.80 -6.16 -7.95
N ILE D 105 -7.43 -7.38 -8.35
CA ILE D 105 -8.36 -8.50 -8.28
C ILE D 105 -8.35 -9.17 -6.90
N GLY D 106 -7.18 -9.24 -6.23
CA GLY D 106 -6.99 -10.09 -5.04
C GLY D 106 -6.54 -9.39 -3.75
N THR D 107 -5.79 -8.30 -3.81
CA THR D 107 -5.14 -7.74 -2.62
C THR D 107 -5.98 -6.64 -1.95
N ILE D 108 -6.50 -5.66 -2.74
CA ILE D 108 -7.33 -4.57 -2.22
C ILE D 108 -8.62 -5.17 -1.67
N GLY D 109 -8.83 -5.09 -0.35
CA GLY D 109 -10.04 -5.56 0.29
C GLY D 109 -9.87 -6.92 0.99
N ILE D 110 -8.66 -7.48 0.92
CA ILE D 110 -8.43 -8.87 1.33
C ILE D 110 -8.73 -9.02 2.82
N LYS D 111 -8.30 -8.08 3.66
CA LYS D 111 -8.48 -8.19 5.10
C LYS D 111 -9.96 -8.06 5.42
N GLU D 112 -10.64 -7.10 4.76
CA GLU D 112 -12.05 -6.87 4.97
C GLU D 112 -12.84 -8.13 4.58
N MET D 113 -12.51 -8.78 3.46
CA MET D 113 -13.28 -9.96 3.04
C MET D 113 -13.01 -11.12 3.98
N TYR D 114 -11.74 -11.47 4.17
CA TYR D 114 -11.44 -12.61 5.01
C TYR D 114 -11.91 -12.39 6.43
N ASN D 115 -11.75 -11.18 6.95
CA ASN D 115 -12.24 -10.89 8.29
C ASN D 115 -13.74 -11.17 8.38
N ASN D 116 -14.49 -10.72 7.35
CA ASN D 116 -15.94 -10.91 7.27
C ASN D 116 -16.29 -12.40 7.29
N LEU D 117 -15.51 -13.20 6.55
CA LEU D 117 -15.71 -14.64 6.41
C LEU D 117 -15.29 -15.40 7.68
N GLU D 118 -14.55 -14.70 8.56
CA GLU D 118 -14.11 -15.23 9.84
C GLU D 118 -13.02 -16.27 9.63
N ILE D 119 -12.08 -15.99 8.71
CA ILE D 119 -10.93 -16.83 8.44
C ILE D 119 -9.68 -16.12 8.97
N PRO D 120 -8.94 -16.69 9.94
CA PRO D 120 -7.75 -16.06 10.51
C PRO D 120 -6.72 -15.74 9.45
N LEU D 121 -6.24 -14.51 9.47
CA LEU D 121 -5.38 -14.00 8.44
C LEU D 121 -4.04 -14.73 8.43
N ARG D 122 -3.45 -14.94 9.62
CA ARG D 122 -2.14 -15.57 9.71
C ARG D 122 -2.17 -16.98 9.09
N ASN D 123 -3.29 -17.69 9.25
CA ASN D 123 -3.43 -19.00 8.60
C ASN D 123 -3.39 -18.89 7.08
N ILE D 124 -3.96 -17.82 6.51
CA ILE D 124 -3.90 -17.63 5.08
C ILE D 124 -2.44 -17.36 4.70
N VAL D 125 -1.73 -16.58 5.52
CA VAL D 125 -0.35 -16.24 5.22
C VAL D 125 0.43 -17.54 5.12
N GLU D 126 0.24 -18.37 6.14
CA GLU D 126 0.90 -19.65 6.26
C GLU D 126 0.72 -20.47 4.97
N CYS D 127 -0.54 -20.72 4.61
CA CYS D 127 -0.89 -21.46 3.40
C CYS D 127 -0.20 -20.88 2.17
N MET D 128 -0.03 -19.55 2.13
CA MET D 128 0.68 -18.91 1.03
C MET D 128 2.14 -19.35 1.01
N ARG D 129 2.77 -19.51 2.18
CA ARG D 129 4.15 -19.99 2.26
C ARG D 129 4.23 -21.38 1.64
N CYS D 130 3.29 -22.25 2.03
CA CYS D 130 3.23 -23.60 1.51
C CYS D 130 3.10 -23.60 -0.02
N LEU D 131 2.18 -22.79 -0.56
CA LEU D 131 1.96 -22.66 -1.98
C LEU D 131 3.21 -22.11 -2.64
N LYS D 132 3.86 -21.14 -1.97
CA LYS D 132 5.03 -20.45 -2.49
C LYS D 132 6.13 -21.47 -2.78
N GLU D 133 6.41 -22.32 -1.77
CA GLU D 133 7.45 -23.34 -1.86
C GLU D 133 7.19 -24.25 -3.05
N GLU D 134 6.01 -24.85 -3.09
CA GLU D 134 5.69 -25.79 -4.16
C GLU D 134 6.04 -25.16 -5.50
N ALA D 135 5.51 -23.96 -5.79
CA ALA D 135 5.67 -23.33 -7.08
C ALA D 135 7.15 -23.05 -7.40
N LEU D 136 7.89 -22.53 -6.42
CA LEU D 136 9.30 -22.24 -6.63
C LEU D 136 10.04 -23.51 -7.10
N SER D 137 9.71 -24.66 -6.51
CA SER D 137 10.41 -25.91 -6.79
C SER D 137 10.20 -26.36 -8.23
N LEU D 138 9.06 -25.99 -8.82
CA LEU D 138 8.75 -26.37 -10.19
C LEU D 138 9.53 -25.55 -11.20
N MET D 139 10.42 -24.64 -10.75
CA MET D 139 11.01 -23.72 -11.72
C MET D 139 12.43 -23.36 -11.34
N SER D 140 13.12 -22.80 -12.35
CA SER D 140 14.51 -22.42 -12.30
C SER D 140 14.72 -21.39 -11.19
N GLU D 141 15.99 -21.07 -10.98
CA GLU D 141 16.43 -20.17 -9.92
C GLU D 141 16.00 -18.74 -10.28
N GLU D 142 16.30 -18.36 -11.54
CA GLU D 142 15.95 -17.05 -12.08
C GLU D 142 14.44 -16.82 -12.10
N ASP D 143 13.73 -17.76 -12.73
CA ASP D 143 12.28 -17.75 -12.79
C ASP D 143 11.70 -17.55 -11.39
N ALA D 144 12.30 -18.20 -10.38
CA ALA D 144 11.78 -18.15 -9.02
C ALA D 144 11.80 -16.73 -8.44
N LEU D 145 12.76 -15.88 -8.86
CA LEU D 145 12.87 -14.55 -8.27
C LEU D 145 11.57 -13.75 -8.44
N GLU D 146 11.14 -13.58 -9.69
CA GLU D 146 9.94 -12.79 -9.98
C GLU D 146 8.79 -13.31 -9.14
N VAL D 147 8.49 -14.61 -9.30
CA VAL D 147 7.34 -15.26 -8.70
C VAL D 147 7.37 -15.13 -7.17
N SER D 148 8.56 -15.17 -6.58
CA SER D 148 8.68 -15.11 -5.13
C SER D 148 7.99 -13.84 -4.61
N ALA D 149 8.34 -12.69 -5.21
CA ALA D 149 7.88 -11.39 -4.74
C ALA D 149 6.34 -11.27 -4.78
N TYR D 150 5.71 -11.87 -5.80
CA TYR D 150 4.27 -11.80 -5.91
C TYR D 150 3.65 -12.57 -4.74
N PHE D 151 4.20 -13.72 -4.39
CA PHE D 151 3.73 -14.50 -3.24
C PHE D 151 3.96 -13.71 -1.96
N ASP D 152 5.11 -13.04 -1.90
CA ASP D 152 5.45 -12.17 -0.78
C ASP D 152 4.42 -11.04 -0.66
N TYR D 153 4.03 -10.48 -1.81
CA TYR D 153 3.09 -9.38 -1.83
C TYR D 153 1.76 -9.74 -1.16
N VAL D 154 1.21 -10.91 -1.54
CA VAL D 154 -0.03 -11.36 -0.97
C VAL D 154 0.11 -11.46 0.55
N MET D 155 1.25 -12.00 0.99
CA MET D 155 1.52 -12.22 2.40
C MET D 155 1.70 -10.87 3.11
N ARG D 156 2.32 -9.89 2.45
CA ARG D 156 2.47 -8.54 3.01
C ARG D 156 1.07 -7.99 3.35
N SER D 157 0.13 -8.07 2.39
CA SER D 157 -1.18 -7.43 2.49
C SER D 157 -2.05 -8.08 3.57
N LEU D 158 -1.71 -9.31 3.96
CA LEU D 158 -2.50 -10.04 4.95
C LEU D 158 -2.06 -9.76 6.41
N SER D 159 -1.16 -8.80 6.63
CA SER D 159 -0.68 -8.50 7.97
C SER D 159 -0.41 -7.01 8.10
CHA CYC E . -12.78 23.82 -26.71
NA CYC E . -11.80 21.62 -26.32
C1A CYC E . -12.54 22.70 -25.92
C2A CYC E . -12.99 22.52 -24.55
C3A CYC E . -12.74 21.21 -24.26
C4A CYC E . -11.91 20.69 -25.34
CMA CYC E . -13.16 20.50 -23.02
CAA CYC E . -13.63 23.55 -23.65
CBA CYC E . -12.59 24.32 -22.82
CGA CYC E . -11.88 25.44 -23.57
O1A CYC E . -10.63 25.45 -23.54
O2A CYC E . -12.56 26.30 -24.19
CHB CYC E . -11.34 19.45 -25.41
NB CYC E . -10.21 19.24 -23.27
C1B CYC E . -10.64 18.75 -24.48
C2B CYC E . -10.19 17.39 -24.61
C3B CYC E . -9.57 17.03 -23.46
C4B CYC E . -9.49 18.25 -22.62
CMB CYC E . -10.29 16.46 -25.78
CAB CYC E . -9.00 15.73 -23.00
CBB CYC E . -7.49 15.73 -22.85
OB CYC E . -8.93 18.36 -21.56
NC CYC E . -12.19 24.40 -33.20
C1C CYC E . -12.15 24.42 -34.56
C2C CYC E . -11.36 23.24 -35.04
C3C CYC E . -10.87 22.55 -33.75
C4C CYC E . -11.39 23.43 -32.66
CMC CYC E . -12.18 22.40 -35.99
CAC CYC E . -9.37 22.31 -33.66
CBC CYC E . -8.97 21.12 -34.49
OC CYC E . -12.68 25.25 -35.28
CHD CYC E . -11.17 23.25 -31.29
ND CYC E . -11.85 23.24 -28.93
C1D CYC E . -11.77 23.86 -30.16
C2D CYC E . -11.97 25.25 -29.92
C3D CYC E . -12.34 25.41 -28.62
C4D CYC E . -12.34 24.12 -27.99
CMD CYC E . -11.70 26.35 -30.88
CAD CYC E . -12.79 26.69 -27.99
CBD CYC E . -14.26 26.96 -28.27
CGD CYC E . -14.83 28.14 -27.53
O1D CYC E . -14.27 28.52 -26.47
O2D CYC E . -15.86 28.67 -28.03
K K F . 9.13 19.71 -34.28
S SO4 G . -21.92 -15.57 -18.93
O1 SO4 G . -22.19 -16.96 -19.21
O2 SO4 G . -22.97 -14.75 -19.52
O3 SO4 G . -21.91 -15.36 -17.50
O4 SO4 G . -20.64 -15.23 -19.52
CHA CYC H . 6.65 11.54 18.63
NA CYC H . 7.96 11.21 16.57
C1A CYC H . 7.10 11.94 17.37
C2A CYC H . 6.73 13.17 16.70
C3A CYC H . 7.46 13.20 15.54
C4A CYC H . 8.15 11.91 15.44
CMA CYC H . 7.50 14.35 14.58
CAA CYC H . 5.78 14.21 17.22
CBA CYC H . 4.37 14.17 16.62
CGA CYC H . 3.66 12.84 16.81
O1A CYC H . 3.60 12.07 15.82
O2A CYC H . 3.21 12.59 17.93
CHB CYC H . 8.96 11.49 14.46
NB CYC H . 7.68 12.06 12.47
C1B CYC H . 8.78 11.54 13.12
C2B CYC H . 9.70 11.04 12.14
C3B CYC H . 9.26 11.43 10.92
C4B CYC H . 7.88 11.96 11.11
CMB CYC H . 10.98 10.30 12.36
CAB CYC H . 9.93 11.38 9.58
CBB CYC H . 9.35 10.28 8.68
OB CYC H . 7.08 12.29 10.27
NC CYC H . 9.28 7.07 22.57
C1C CYC H . 9.99 6.22 23.38
C2C CYC H . 10.81 5.31 22.53
C3C CYC H . 10.61 5.82 21.09
C4C CYC H . 9.53 6.85 21.23
CMC CYC H . 12.23 5.20 23.04
CAC CYC H . 10.30 4.74 20.04
CBC CYC H . 11.58 4.10 19.59
OC CYC H . 9.94 6.20 24.60
CHD CYC H . 8.90 7.52 20.19
ND CYC H . 7.94 9.54 19.18
C1D CYC H . 8.02 8.65 20.23
C2D CYC H . 6.82 8.83 20.97
C3D CYC H . 6.18 9.94 20.46
C4D CYC H . 6.81 10.31 19.26
CMD CYC H . 6.26 7.92 22.01
CAD CYC H . 5.08 10.73 21.12
CBD CYC H . 5.61 11.65 22.21
CGD CYC H . 4.53 12.27 23.07
O1D CYC H . 3.50 12.69 22.49
O2D CYC H . 4.73 12.34 24.31
CHA CYC I . 2.10 -7.28 27.10
NA CYC I . 0.69 -5.29 27.41
C1A CYC I . 1.90 -5.90 27.27
C2A CYC I . 2.98 -4.94 27.27
C3A CYC I . 2.38 -3.71 27.33
C4A CYC I . 0.96 -3.95 27.52
CMA CYC I . 3.08 -2.38 27.24
CAA CYC I . 4.44 -5.28 27.15
CBA CYC I . 5.08 -5.54 28.51
CGA CYC I . 5.40 -4.26 29.27
O1A CYC I . 6.34 -3.54 28.85
O2A CYC I . 4.68 -3.97 30.24
CHB CYC I . -0.02 -3.05 27.82
NB CYC I . 0.61 -0.66 27.44
C1B CYC I . -0.27 -1.72 27.70
C2B CYC I . -1.57 -1.21 27.91
C3B CYC I . -1.48 0.14 28.01
C4B CYC I . -0.05 0.51 27.75
CMB CYC I . -2.88 -1.93 28.05
CAB CYC I . -2.57 1.11 28.27
CBB CYC I . -2.50 1.72 29.67
OB CYC I . 0.46 1.61 27.71
NC CYC I . -2.48 -12.08 26.35
C1C CYC I . -3.52 -12.94 26.15
C2C CYC I . -4.83 -12.26 26.44
C3C CYC I . -4.42 -10.85 26.89
C4C CYC I . -2.91 -10.87 26.87
CMC CYC I . -5.78 -12.28 25.25
CAC CYC I . -5.00 -10.33 28.20
CBC CYC I . -6.46 -9.98 28.16
OC CYC I . -3.38 -14.07 25.75
CHD CYC I . -2.06 -9.83 27.23
ND CYC I . -0.13 -8.31 27.28
C1D CYC I . -0.67 -9.53 26.98
C2D CYC I . 0.41 -10.45 26.88
C3D CYC I . 1.57 -9.71 26.97
C4D CYC I . 1.23 -8.35 27.17
CMD CYC I . 0.31 -11.94 27.12
CAD CYC I . 2.98 -10.23 27.12
CBD CYC I . 3.62 -10.49 25.78
CGD CYC I . 5.11 -10.84 25.86
O1D CYC I . 5.65 -11.27 24.82
O2D CYC I . 5.72 -10.68 26.95
K K J . -22.75 -8.56 23.99
K K K . -5.88 1.35 16.82
CHA CYC L . -14.87 -18.73 1.40
NA CYC L . -13.44 -17.31 -0.02
C1A CYC L . -14.67 -17.77 0.40
C2A CYC L . -15.74 -17.08 -0.28
C3A CYC L . -15.14 -16.18 -1.12
C4A CYC L . -13.69 -16.38 -0.99
CMA CYC L . -15.84 -15.10 -1.88
CAA CYC L . -17.19 -17.23 0.03
CBA CYC L . -17.85 -18.36 -0.74
CGA CYC L . -18.12 -18.00 -2.19
O1A CYC L . -17.21 -18.23 -3.02
O2A CYC L . -19.23 -17.47 -2.48
CHB CYC L . -12.69 -15.66 -1.58
NB CYC L . -13.53 -14.02 -3.29
C1B CYC L . -12.58 -14.82 -2.66
C2B CYC L . -11.32 -14.60 -3.27
C3B CYC L . -11.45 -13.58 -4.14
C4B CYC L . -12.88 -13.23 -4.22
CMB CYC L . -10.00 -15.25 -2.99
CAB CYC L . -10.38 -12.87 -4.89
CBB CYC L . -10.40 -13.16 -6.37
OB CYC L . -13.40 -12.43 -4.96
NC CYC L . -9.86 -21.39 5.08
C1C CYC L . -8.73 -21.88 5.68
C2C CYC L . -7.51 -21.34 4.99
C3C CYC L . -8.06 -20.68 3.72
C4C CYC L . -9.57 -20.67 3.93
CMC CYC L . -6.70 -20.46 5.92
CAC CYC L . -7.62 -21.31 2.39
CBC CYC L . -6.12 -21.21 2.15
OC CYC L . -8.71 -22.64 6.63
CHD CYC L . -10.48 -19.95 3.14
ND CYC L . -12.57 -19.41 1.93
C1D CYC L . -11.93 -19.99 3.00
C2D CYC L . -12.94 -20.73 3.68
C3D CYC L . -14.15 -20.41 3.11
C4D CYC L . -13.93 -19.51 2.06
CMD CYC L . -12.71 -21.72 4.78
CAD CYC L . -15.51 -20.88 3.57
CBD CYC L . -16.10 -19.99 4.66
CGD CYC L . -17.56 -20.30 4.98
O1D CYC L . -18.28 -20.79 4.08
O2D CYC L . -17.98 -20.05 6.13
S SO4 M . -4.97 -31.34 -13.89
O1 SO4 M . -5.34 -32.74 -13.70
O2 SO4 M . -5.89 -30.43 -14.68
O3 SO4 M . -4.89 -30.76 -12.58
O4 SO4 M . -3.67 -31.38 -14.54
K K N . -7.82 -4.34 2.98
S SO4 O . -5.51 -13.18 12.67
O1 SO4 O . -5.27 -14.50 12.16
O2 SO4 O . -6.77 -12.72 12.15
O3 SO4 O . -5.55 -13.20 14.12
O4 SO4 O . -4.42 -12.30 12.23
#